data_2IP2
#
_entry.id   2IP2
#
_cell.length_a   46.970
_cell.length_b   62.410
_cell.length_c   68.750
_cell.angle_alpha   97.47
_cell.angle_beta   105.37
_cell.angle_gamma   108.09
#
_symmetry.space_group_name_H-M   'P 1'
#
loop_
_entity.id
_entity.type
_entity.pdbx_description
1 polymer 'Probable phenazine-specific methyltransferase'
2 water water
#
_entity_poly.entity_id   1
_entity_poly.type   'polypeptide(L)'
_entity_poly.pdbx_seq_one_letter_code
;MNNSNLAAARNLIQVVTGEWKSRCVYVATRLGLADLIESGIDSDETLAAAVGSDAERIHRLMRLLVAFEIFQGDTRDGYA
NTPTSHLLRDVEGSFRDMVLFYGEEFHAAWTPACEALLSGTPGFELAFGEDFYSYLKRCPDAGRRFLLAMKASNLAFHEI
PRLLDFRGRSFVDVGGGSGELTKAILQAEPSARGVMLDREGSLGVARDNLSSLLAGERVSLVGGDMLQEVPSNGDIYLLS
RIIGDLDEAASLRLLGNCREAMAGDGRVVVIERTISASEPSPMSVLWDVHLFMACAGRHRTTEEVVDLLGRGGFAVERIV
DLPMETRMIVAARA
;
_entity_poly.pdbx_strand_id   A,B
#
# COMPACT_ATOMS: atom_id res chain seq x y z
N ASN A 5 -13.28 0.23 17.58
CA ASN A 5 -12.43 1.08 18.46
C ASN A 5 -11.45 1.90 17.63
N LEU A 6 -11.34 3.19 18.02
CA LEU A 6 -10.73 4.24 17.21
C LEU A 6 -9.36 3.84 16.67
N ALA A 7 -8.42 3.56 17.57
CA ALA A 7 -7.02 3.38 17.27
C ALA A 7 -6.79 2.18 16.32
N ALA A 8 -7.48 1.09 16.59
CA ALA A 8 -7.40 -0.09 15.73
C ALA A 8 -7.96 0.22 14.33
N ALA A 9 -9.11 0.90 14.29
CA ALA A 9 -9.75 1.24 13.01
C ALA A 9 -8.81 2.15 12.20
N ARG A 10 -8.12 3.07 12.85
CA ARG A 10 -7.26 4.02 12.15
C ARG A 10 -6.07 3.23 11.54
N ASN A 11 -5.58 2.26 12.29
CA ASN A 11 -4.47 1.44 11.83
C ASN A 11 -4.90 0.57 10.65
N LEU A 12 -6.08 -0.04 10.77
CA LEU A 12 -6.51 -0.93 9.70
C LEU A 12 -6.68 -0.12 8.44
N ILE A 13 -7.35 1.03 8.53
CA ILE A 13 -7.57 1.84 7.32
C ILE A 13 -6.20 2.26 6.67
N GLN A 14 -5.26 2.64 7.52
CA GLN A 14 -3.89 2.90 7.00
C GLN A 14 -3.36 1.74 6.14
N VAL A 15 -3.56 0.51 6.59
CA VAL A 15 -2.99 -0.61 5.85
C VAL A 15 -3.78 -0.86 4.58
N VAL A 16 -5.09 -0.84 4.74
CA VAL A 16 -5.98 -1.13 3.61
C VAL A 16 -5.76 -0.11 2.48
N THR A 17 -5.55 1.16 2.84
CA THR A 17 -5.47 2.23 1.81
C THR A 17 -4.04 2.49 1.35
N GLY A 18 -3.10 1.80 2.00
CA GLY A 18 -1.71 1.95 1.65
C GLY A 18 -1.50 1.69 0.16
N GLU A 19 -2.27 0.75 -0.39
CA GLU A 19 -2.12 0.43 -1.84
C GLU A 19 -2.29 1.74 -2.69
N TRP A 20 -3.20 2.62 -2.28
CA TRP A 20 -3.42 3.82 -3.14
C TRP A 20 -2.18 4.74 -3.16
N LYS A 21 -1.47 4.84 -2.02
CA LYS A 21 -0.24 5.60 -1.98
C LYS A 21 0.76 4.97 -2.97
N SER A 22 0.89 3.64 -2.96
CA SER A 22 1.82 2.99 -3.94
C SER A 22 1.44 3.41 -5.35
N ARG A 23 0.13 3.45 -5.62
CA ARG A 23 -0.33 3.81 -7.00
C ARG A 23 0.01 5.27 -7.27
N CYS A 24 -0.18 6.17 -6.29
CA CYS A 24 0.19 7.58 -6.47
C CYS A 24 1.69 7.77 -6.75
N VAL A 25 2.57 7.03 -6.08
CA VAL A 25 4.03 7.18 -6.38
C VAL A 25 4.31 6.59 -7.75
N TYR A 26 3.63 5.50 -8.09
CA TYR A 26 3.83 4.89 -9.42
C TYR A 26 3.46 5.93 -10.52
N VAL A 27 2.32 6.58 -10.33
CA VAL A 27 1.91 7.59 -11.24
C VAL A 27 2.89 8.74 -11.35
N ALA A 28 3.33 9.30 -10.23
CA ALA A 28 4.33 10.39 -10.28
C ALA A 28 5.57 9.94 -11.07
N THR A 29 5.95 8.67 -10.90
CA THR A 29 7.11 8.08 -11.58
C THR A 29 6.87 7.92 -13.10
N ARG A 30 5.82 7.25 -13.51
CA ARG A 30 5.44 7.12 -14.92
C ARG A 30 5.38 8.49 -15.59
N LEU A 31 4.82 9.49 -14.91
CA LEU A 31 4.71 10.83 -15.49
C LEU A 31 6.01 11.65 -15.50
N GLY A 32 7.03 11.16 -14.80
CA GLY A 32 8.34 11.85 -14.70
C GLY A 32 8.26 13.19 -13.97
N LEU A 33 7.34 13.30 -13.02
CA LEU A 33 7.18 14.54 -12.22
C LEU A 33 8.47 15.01 -11.51
N ALA A 34 9.21 14.07 -10.96
CA ALA A 34 10.44 14.42 -10.31
C ALA A 34 11.47 15.04 -11.26
N ASP A 35 11.60 14.50 -12.47
CA ASP A 35 12.45 15.06 -13.54
C ASP A 35 11.97 16.43 -13.99
N LEU A 36 10.68 16.53 -14.29
CA LEU A 36 10.08 17.83 -14.64
C LEU A 36 10.37 18.87 -13.58
N ILE A 37 10.08 18.54 -12.33
CA ILE A 37 10.32 19.47 -11.22
C ILE A 37 11.78 19.89 -11.07
N GLU A 38 12.70 18.93 -11.16
CA GLU A 38 14.13 19.25 -11.05
C GLU A 38 14.56 20.24 -12.13
N SER A 39 13.95 20.13 -13.30
CA SER A 39 14.30 21.05 -14.42
C SER A 39 13.62 22.43 -14.32
N GLY A 40 12.81 22.61 -13.28
CA GLY A 40 12.12 23.88 -13.01
C GLY A 40 10.68 24.01 -13.47
N ILE A 41 10.09 22.92 -13.94
CA ILE A 41 8.68 22.93 -14.31
C ILE A 41 7.94 22.55 -13.00
N ASP A 42 7.36 23.54 -12.37
CA ASP A 42 7.18 23.43 -10.91
C ASP A 42 5.90 24.09 -10.38
N SER A 43 4.95 24.28 -11.28
CA SER A 43 3.59 24.60 -10.84
C SER A 43 2.55 23.59 -11.36
N ASP A 44 1.35 23.61 -10.79
CA ASP A 44 0.27 22.69 -11.26
C ASP A 44 0.00 22.90 -12.74
N GLU A 45 -0.03 24.17 -13.16
CA GLU A 45 -0.31 24.51 -14.53
C GLU A 45 0.78 24.03 -15.54
N THR A 46 2.04 24.32 -15.24
CA THR A 46 3.11 23.90 -16.16
C THR A 46 3.35 22.38 -16.10
N LEU A 47 3.22 21.79 -14.92
CA LEU A 47 3.25 20.31 -14.83
C LEU A 47 2.13 19.63 -15.66
N ALA A 48 0.90 20.13 -15.53
CA ALA A 48 -0.24 19.64 -16.28
C ALA A 48 -0.09 19.70 -17.79
N ALA A 49 0.43 20.84 -18.28
CA ALA A 49 0.66 21.04 -19.70
C ALA A 49 1.72 20.09 -20.15
N ALA A 50 2.70 19.89 -19.28
CA ALA A 50 3.83 19.04 -19.63
C ALA A 50 3.44 17.54 -19.77
N VAL A 51 2.45 17.08 -19.02
CA VAL A 51 2.12 15.63 -19.02
C VAL A 51 0.78 15.30 -19.69
N GLY A 52 -0.01 16.32 -20.02
CA GLY A 52 -1.35 16.15 -20.64
C GLY A 52 -2.43 15.87 -19.59
N SER A 53 -2.42 16.65 -18.52
CA SER A 53 -3.38 16.55 -17.47
C SER A 53 -3.98 17.93 -17.28
N ASP A 54 -4.61 18.15 -16.15
CA ASP A 54 -5.25 19.41 -15.89
C ASP A 54 -4.74 19.89 -14.54
N ALA A 55 -4.70 21.20 -14.33
CA ALA A 55 -4.05 21.78 -13.17
C ALA A 55 -4.67 21.25 -11.85
N GLU A 56 -6.00 21.09 -11.84
CA GLU A 56 -6.70 20.64 -10.63
C GLU A 56 -6.28 19.23 -10.22
N ARG A 57 -6.13 18.34 -11.20
CA ARG A 57 -5.74 16.96 -10.88
C ARG A 57 -4.31 16.90 -10.44
N ILE A 58 -3.44 17.66 -11.12
CA ILE A 58 -2.07 17.74 -10.64
C ILE A 58 -1.97 18.28 -9.24
N HIS A 59 -2.76 19.30 -8.98
CA HIS A 59 -2.79 19.88 -7.66
C HIS A 59 -3.13 18.84 -6.61
N ARG A 60 -4.14 18.02 -6.88
CA ARG A 60 -4.57 17.05 -5.87
C ARG A 60 -3.57 15.92 -5.67
N LEU A 61 -2.99 15.48 -6.78
CA LEU A 61 -1.92 14.49 -6.68
C LEU A 61 -0.75 15.05 -5.87
N MET A 62 -0.30 16.27 -6.23
CA MET A 62 0.90 16.83 -5.60
C MET A 62 0.63 17.13 -4.10
N ARG A 63 -0.57 17.64 -3.76
CA ARG A 63 -0.97 17.85 -2.38
C ARG A 63 -0.77 16.56 -1.53
N LEU A 64 -1.24 15.45 -2.10
CA LEU A 64 -1.08 14.14 -1.48
C LEU A 64 0.40 13.75 -1.30
N LEU A 65 1.19 13.86 -2.38
CA LEU A 65 2.58 13.39 -2.32
C LEU A 65 3.38 14.26 -1.35
N VAL A 66 3.15 15.57 -1.39
CA VAL A 66 3.85 16.54 -0.45
C VAL A 66 3.46 16.23 1.02
N ALA A 67 2.19 15.92 1.24
CA ALA A 67 1.72 15.62 2.62
C ALA A 67 2.42 14.38 3.17
N PHE A 68 2.83 13.47 2.29
CA PHE A 68 3.58 12.30 2.67
C PHE A 68 5.10 12.52 2.44
N GLU A 69 5.53 13.78 2.33
CA GLU A 69 6.97 14.10 2.28
C GLU A 69 7.71 13.48 1.11
N ILE A 70 6.98 13.23 0.04
CA ILE A 70 7.59 12.76 -1.19
C ILE A 70 8.09 13.90 -2.03
N PHE A 71 7.25 14.86 -2.37
CA PHE A 71 7.80 16.16 -2.85
C PHE A 71 7.66 17.24 -1.75
N GLN A 72 8.11 18.47 -2.02
CA GLN A 72 7.88 19.59 -1.10
C GLN A 72 7.52 20.87 -1.83
N GLY A 73 7.15 21.88 -1.06
CA GLY A 73 6.79 23.20 -1.60
C GLY A 73 5.34 23.23 -2.03
N ASP A 74 5.00 24.16 -2.91
CA ASP A 74 3.60 24.37 -3.30
C ASP A 74 3.54 24.99 -4.68
N THR A 75 2.38 25.07 -5.31
CA THR A 75 2.31 25.52 -6.69
C THR A 75 2.75 26.99 -6.89
N ARG A 76 2.49 27.84 -5.90
CA ARG A 76 2.75 29.27 -6.05
C ARG A 76 4.25 29.53 -6.09
N ASP A 77 4.95 29.11 -5.02
CA ASP A 77 6.40 29.31 -4.93
C ASP A 77 7.14 28.26 -5.76
N GLY A 78 6.46 27.17 -6.09
CA GLY A 78 7.06 26.12 -6.87
C GLY A 78 7.27 24.83 -6.09
N TYR A 79 7.03 23.71 -6.67
CA TYR A 79 7.34 22.39 -6.06
C TYR A 79 8.82 22.12 -6.14
N ALA A 80 9.32 21.19 -5.31
CA ALA A 80 10.75 20.90 -5.32
C ALA A 80 10.94 19.44 -4.88
N ASN A 81 12.02 18.82 -5.30
CA ASN A 81 12.32 17.45 -4.84
C ASN A 81 12.73 17.38 -3.35
N THR A 82 12.58 16.18 -2.77
CA THR A 82 13.02 15.83 -1.43
C THR A 82 14.03 14.67 -1.57
N PRO A 83 14.80 14.32 -0.52
CA PRO A 83 15.59 13.08 -0.66
C PRO A 83 14.79 11.86 -1.18
N THR A 84 13.53 11.72 -0.77
CA THR A 84 12.68 10.62 -1.21
C THR A 84 12.39 10.74 -2.74
N SER A 85 11.94 11.91 -3.20
CA SER A 85 11.56 12.06 -4.63
C SER A 85 12.76 12.05 -5.61
N HIS A 86 13.91 12.50 -5.14
CA HIS A 86 15.19 12.32 -5.90
C HIS A 86 15.41 10.88 -6.30
N LEU A 87 14.96 9.96 -5.45
CA LEU A 87 15.09 8.54 -5.79
C LEU A 87 14.17 8.09 -6.91
N LEU A 88 13.21 8.94 -7.27
CA LEU A 88 12.36 8.64 -8.40
C LEU A 88 12.86 9.16 -9.73
N ARG A 89 13.89 10.02 -9.69
CA ARG A 89 14.39 10.66 -10.92
C ARG A 89 15.08 9.68 -11.85
N ASP A 90 15.12 10.05 -13.12
CA ASP A 90 15.72 9.21 -14.13
C ASP A 90 17.24 9.42 -14.10
N VAL A 91 17.90 8.88 -13.08
CA VAL A 91 19.34 9.01 -12.85
C VAL A 91 19.90 7.62 -12.48
N GLU A 92 21.16 7.39 -12.83
CA GLU A 92 21.82 6.07 -12.75
C GLU A 92 21.37 5.13 -11.63
N GLY A 93 21.50 5.57 -10.37
CA GLY A 93 21.22 4.66 -9.27
C GLY A 93 19.93 4.93 -8.50
N SER A 94 18.86 5.33 -9.21
CA SER A 94 17.61 5.69 -8.51
C SER A 94 16.74 4.44 -8.36
N PHE A 95 15.61 4.62 -7.68
CA PHE A 95 14.57 3.56 -7.57
C PHE A 95 13.55 3.60 -8.71
N ARG A 96 13.81 4.51 -9.67
CA ARG A 96 12.82 4.79 -10.72
C ARG A 96 12.38 3.52 -11.46
N ASP A 97 13.33 2.76 -12.02
CA ASP A 97 12.95 1.57 -12.77
C ASP A 97 12.35 0.50 -11.90
N MET A 98 12.79 0.44 -10.64
CA MET A 98 12.17 -0.53 -9.68
C MET A 98 10.69 -0.17 -9.44
N VAL A 99 10.43 1.10 -9.19
CA VAL A 99 9.01 1.57 -9.00
C VAL A 99 8.11 1.19 -10.17
N LEU A 100 8.62 1.40 -11.39
CA LEU A 100 7.85 1.11 -12.61
C LEU A 100 7.57 -0.36 -12.75
N PHE A 101 8.59 -1.21 -12.57
CA PHE A 101 8.41 -2.68 -12.70
C PHE A 101 7.47 -3.18 -11.61
N TYR A 102 7.62 -2.62 -10.42
CA TYR A 102 6.80 -3.09 -9.29
C TYR A 102 5.34 -2.69 -9.47
N GLY A 103 5.15 -1.52 -10.09
CA GLY A 103 3.79 -0.99 -10.36
C GLY A 103 3.13 -1.52 -11.62
N GLU A 104 3.83 -2.40 -12.34
CA GLU A 104 3.32 -2.98 -13.58
C GLU A 104 3.30 -4.46 -13.36
N GLU A 105 4.38 -5.20 -13.74
CA GLU A 105 4.38 -6.63 -13.60
C GLU A 105 4.03 -7.11 -12.18
N PHE A 106 4.64 -6.53 -11.15
CA PHE A 106 4.32 -7.04 -9.80
C PHE A 106 2.97 -6.59 -9.22
N HIS A 107 2.45 -5.47 -9.70
CA HIS A 107 1.05 -5.10 -9.38
C HIS A 107 0.10 -6.15 -9.99
N ALA A 108 0.36 -6.53 -11.24
CA ALA A 108 -0.39 -7.63 -11.82
C ALA A 108 -0.27 -8.92 -11.03
N ALA A 109 0.95 -9.22 -10.59
CA ALA A 109 1.27 -10.47 -9.82
C ALA A 109 0.55 -10.55 -8.51
N TRP A 110 0.42 -9.39 -7.88
CA TRP A 110 -0.20 -9.33 -6.57
C TRP A 110 -1.71 -9.22 -6.60
N THR A 111 -2.29 -9.14 -7.79
CA THR A 111 -3.76 -9.12 -7.89
C THR A 111 -4.35 -10.49 -7.45
N PRO A 112 -3.90 -11.63 -8.05
CA PRO A 112 -4.47 -12.94 -7.60
C PRO A 112 -3.82 -13.52 -6.36
N ALA A 113 -3.51 -12.66 -5.39
CA ALA A 113 -2.73 -13.12 -4.25
C ALA A 113 -3.48 -14.22 -3.47
N CYS A 114 -4.80 -14.12 -3.41
CA CYS A 114 -5.58 -15.15 -2.65
C CYS A 114 -5.43 -16.51 -3.30
N GLU A 115 -5.69 -16.58 -4.60
CA GLU A 115 -5.62 -17.83 -5.35
C GLU A 115 -4.18 -18.41 -5.25
N ALA A 116 -3.19 -17.51 -5.26
CA ALA A 116 -1.76 -17.85 -5.20
C ALA A 116 -1.44 -18.53 -3.86
N LEU A 117 -1.81 -17.91 -2.74
CA LEU A 117 -1.43 -18.48 -1.45
C LEU A 117 -2.19 -19.78 -1.14
N LEU A 118 -3.38 -19.92 -1.69
CA LEU A 118 -4.15 -21.18 -1.56
C LEU A 118 -3.49 -22.29 -2.42
N SER A 119 -3.37 -22.03 -3.71
CA SER A 119 -2.94 -23.08 -4.67
C SER A 119 -1.41 -23.38 -4.61
N GLY A 120 -0.64 -22.40 -4.21
CA GLY A 120 0.81 -22.50 -4.33
C GLY A 120 1.42 -22.04 -5.64
N THR A 121 0.60 -21.65 -6.62
CA THR A 121 1.10 -21.12 -7.88
C THR A 121 1.35 -19.63 -7.62
N PRO A 122 2.55 -19.15 -7.89
CA PRO A 122 2.90 -17.73 -7.65
C PRO A 122 1.90 -16.83 -8.38
N GLY A 123 1.50 -15.72 -7.74
CA GLY A 123 0.61 -14.76 -8.42
C GLY A 123 1.13 -14.29 -9.77
N PHE A 124 2.45 -14.19 -9.90
CA PHE A 124 3.00 -13.79 -11.21
C PHE A 124 2.53 -14.83 -12.29
N GLU A 125 2.70 -16.10 -11.97
CA GLU A 125 2.31 -17.18 -12.90
C GLU A 125 0.79 -17.18 -13.14
N LEU A 126 0.00 -16.99 -12.06
CA LEU A 126 -1.45 -16.85 -12.28
C LEU A 126 -1.81 -15.70 -13.23
N ALA A 127 -1.18 -14.54 -13.02
CA ALA A 127 -1.45 -13.32 -13.78
C ALA A 127 -1.01 -13.41 -15.25
N PHE A 128 0.12 -14.04 -15.50
CA PHE A 128 0.75 -13.94 -16.87
C PHE A 128 0.60 -15.27 -17.62
N GLY A 129 0.23 -16.32 -16.89
CA GLY A 129 0.07 -17.65 -17.51
C GLY A 129 1.42 -18.27 -17.83
N GLU A 130 2.44 -17.86 -17.10
CA GLU A 130 3.83 -18.19 -17.40
C GLU A 130 4.72 -17.91 -16.18
N ASP A 131 5.70 -18.77 -15.90
CA ASP A 131 6.50 -18.54 -14.74
C ASP A 131 7.43 -17.35 -14.94
N PHE A 132 7.79 -16.70 -13.84
CA PHE A 132 8.53 -15.43 -13.87
C PHE A 132 9.85 -15.48 -14.70
N TYR A 133 10.74 -16.40 -14.36
CA TYR A 133 12.02 -16.48 -15.07
C TYR A 133 11.87 -16.94 -16.51
N SER A 134 10.87 -17.76 -16.79
CA SER A 134 10.58 -18.12 -18.22
C SER A 134 10.16 -16.87 -18.99
N TYR A 135 9.27 -16.07 -18.38
CA TYR A 135 8.83 -14.75 -18.92
C TYR A 135 9.99 -13.79 -19.21
N LEU A 136 10.90 -13.62 -18.25
CA LEU A 136 12.08 -12.74 -18.41
C LEU A 136 13.01 -13.19 -19.55
N LYS A 137 13.26 -14.49 -19.62
CA LYS A 137 14.15 -15.05 -20.65
C LYS A 137 13.47 -14.95 -22.01
N ARG A 138 12.16 -15.13 -22.05
CA ARG A 138 11.43 -15.06 -23.33
C ARG A 138 11.26 -13.63 -23.84
N CYS A 139 10.99 -12.70 -22.93
CA CYS A 139 10.63 -11.35 -23.33
C CYS A 139 11.81 -10.47 -23.02
N PRO A 140 12.64 -10.22 -24.05
CA PRO A 140 13.84 -9.43 -23.80
C PRO A 140 13.61 -8.05 -23.16
N ASP A 141 12.54 -7.34 -23.56
CA ASP A 141 12.27 -6.01 -22.98
C ASP A 141 11.96 -6.13 -21.49
N ALA A 142 11.24 -7.19 -21.09
CA ALA A 142 10.88 -7.40 -19.68
C ALA A 142 12.15 -7.74 -18.90
N GLY A 143 12.94 -8.61 -19.49
CA GLY A 143 14.25 -8.94 -18.93
C GLY A 143 15.13 -7.71 -18.69
N ARG A 144 15.26 -6.86 -19.73
CA ARG A 144 15.93 -5.57 -19.61
C ARG A 144 15.39 -4.70 -18.47
N ARG A 145 14.08 -4.53 -18.43
CA ARG A 145 13.48 -3.75 -17.34
C ARG A 145 13.69 -4.32 -15.94
N PHE A 146 13.71 -5.64 -15.86
CA PHE A 146 13.85 -6.24 -14.52
C PHE A 146 15.27 -5.99 -13.99
N LEU A 147 16.25 -6.10 -14.88
CA LEU A 147 17.63 -5.82 -14.54
C LEU A 147 17.76 -4.36 -14.04
N LEU A 148 17.16 -3.41 -14.75
CA LEU A 148 17.16 -2.02 -14.30
C LEU A 148 16.45 -1.89 -12.94
N ALA A 149 15.39 -2.64 -12.74
CA ALA A 149 14.73 -2.60 -11.42
C ALA A 149 15.62 -3.16 -10.32
N MET A 150 16.41 -4.19 -10.64
CA MET A 150 17.29 -4.82 -9.63
C MET A 150 18.48 -3.93 -9.27
N LYS A 151 18.78 -2.96 -10.13
CA LYS A 151 19.78 -1.93 -9.78
C LYS A 151 19.50 -1.14 -8.50
N ALA A 152 18.22 -1.05 -8.08
CA ALA A 152 17.91 -0.35 -6.83
C ALA A 152 18.69 -0.98 -5.66
N SER A 153 18.97 -2.27 -5.78
CA SER A 153 19.72 -3.03 -4.77
C SER A 153 21.25 -2.88 -4.86
N ASN A 154 21.73 -2.12 -5.85
CA ASN A 154 23.12 -1.66 -5.88
C ASN A 154 23.45 -0.83 -4.64
N LEU A 155 22.41 -0.35 -3.96
CA LEU A 155 22.58 0.30 -2.65
C LEU A 155 23.37 -0.62 -1.70
N ALA A 156 23.01 -1.90 -1.69
CA ALA A 156 23.65 -2.83 -0.77
C ALA A 156 25.06 -3.14 -1.29
N PHE A 157 25.16 -3.40 -2.59
CA PHE A 157 26.44 -3.76 -3.23
C PHE A 157 27.51 -2.68 -3.02
N HIS A 158 27.13 -1.39 -3.02
CA HIS A 158 28.10 -0.32 -2.88
C HIS A 158 28.67 -0.27 -1.48
N GLU A 159 27.90 -0.76 -0.50
CA GLU A 159 28.41 -0.91 0.89
C GLU A 159 29.45 -1.99 1.02
N ILE A 160 29.37 -3.03 0.19
CA ILE A 160 30.26 -4.18 0.38
C ILE A 160 31.78 -3.83 0.40
N PRO A 161 32.27 -3.14 -0.65
CA PRO A 161 33.70 -2.78 -0.63
C PRO A 161 34.06 -1.69 0.38
N ARG A 162 33.06 -1.08 1.04
CA ARG A 162 33.30 -0.20 2.19
C ARG A 162 33.43 -1.01 3.48
N LEU A 163 32.78 -2.17 3.55
CA LEU A 163 32.91 -3.04 4.75
C LEU A 163 34.05 -4.06 4.64
N LEU A 164 34.40 -4.47 3.43
CA LEU A 164 35.49 -5.41 3.24
C LEU A 164 36.61 -4.71 2.51
N ASP A 165 37.85 -5.13 2.78
CA ASP A 165 38.99 -4.55 2.13
C ASP A 165 39.34 -5.36 0.87
N PHE A 166 39.11 -4.81 -0.32
CA PHE A 166 39.51 -5.48 -1.55
C PHE A 166 40.85 -4.99 -2.08
N ARG A 167 41.49 -4.03 -1.39
CA ARG A 167 42.78 -3.50 -1.84
C ARG A 167 43.79 -4.66 -1.89
N GLY A 168 44.35 -4.85 -3.08
CA GLY A 168 45.39 -5.84 -3.27
C GLY A 168 44.82 -7.22 -3.47
N ARG A 169 43.54 -7.42 -3.13
CA ARG A 169 42.99 -8.76 -3.06
C ARG A 169 42.28 -9.24 -4.32
N SER A 170 42.05 -10.55 -4.39
CA SER A 170 41.33 -11.14 -5.52
C SER A 170 39.94 -11.64 -5.05
N PHE A 171 38.92 -11.50 -5.88
CA PHE A 171 37.67 -12.09 -5.49
C PHE A 171 37.09 -12.96 -6.60
N VAL A 172 36.11 -13.80 -6.24
CA VAL A 172 35.38 -14.65 -7.22
C VAL A 172 33.89 -14.44 -6.96
N ASP A 173 33.20 -13.92 -7.97
CA ASP A 173 31.79 -13.63 -7.91
C ASP A 173 31.07 -14.88 -8.44
N VAL A 174 30.63 -15.77 -7.52
CA VAL A 174 30.01 -17.01 -7.97
C VAL A 174 28.49 -16.79 -8.26
N GLY A 175 28.04 -17.07 -9.48
CA GLY A 175 26.67 -16.80 -9.88
C GLY A 175 26.44 -15.33 -10.13
N GLY A 176 27.37 -14.70 -10.80
CA GLY A 176 27.36 -13.23 -10.87
C GLY A 176 26.30 -12.55 -11.71
N GLY A 177 25.63 -13.31 -12.60
CA GLY A 177 24.52 -12.75 -13.40
C GLY A 177 24.98 -11.67 -14.37
N SER A 178 24.35 -10.49 -14.31
CA SER A 178 24.76 -9.35 -15.14
C SER A 178 26.04 -8.70 -14.64
N GLY A 179 26.46 -9.03 -13.42
CA GLY A 179 27.73 -8.55 -12.91
C GLY A 179 27.76 -7.30 -12.07
N GLU A 180 26.61 -6.88 -11.51
CA GLU A 180 26.60 -5.60 -10.79
C GLU A 180 27.49 -5.57 -9.56
N LEU A 181 27.57 -6.69 -8.84
CA LEU A 181 28.40 -6.77 -7.63
C LEU A 181 29.89 -6.63 -7.96
N THR A 182 30.31 -7.38 -8.97
CA THR A 182 31.68 -7.26 -9.48
C THR A 182 31.98 -5.81 -9.89
N LYS A 183 31.05 -5.20 -10.64
CA LYS A 183 31.27 -3.84 -11.09
C LYS A 183 31.34 -2.84 -9.93
N ALA A 184 30.42 -2.92 -8.95
CA ALA A 184 30.48 -2.13 -7.72
C ALA A 184 31.85 -2.27 -7.03
N ILE A 185 32.37 -3.49 -6.95
CA ILE A 185 33.64 -3.69 -6.27
C ILE A 185 34.80 -2.98 -7.02
N LEU A 186 34.89 -3.21 -8.32
CA LEU A 186 35.97 -2.64 -9.10
C LEU A 186 35.86 -1.13 -9.26
N GLN A 187 34.66 -0.58 -9.16
CA GLN A 187 34.54 0.86 -9.25
C GLN A 187 34.96 1.54 -7.94
N ALA A 188 34.73 0.86 -6.81
CA ALA A 188 35.12 1.36 -5.49
C ALA A 188 36.63 1.20 -5.24
N GLU A 189 37.19 0.10 -5.73
CA GLU A 189 38.56 -0.25 -5.44
C GLU A 189 39.23 -0.62 -6.75
N PRO A 190 39.86 0.38 -7.40
CA PRO A 190 40.40 0.20 -8.75
C PRO A 190 41.53 -0.85 -8.79
N SER A 191 42.14 -1.11 -7.64
CA SER A 191 43.21 -2.12 -7.58
C SER A 191 42.73 -3.58 -7.25
N ALA A 192 41.42 -3.77 -7.10
CA ALA A 192 40.88 -5.11 -6.86
C ALA A 192 40.97 -5.88 -8.17
N ARG A 193 41.11 -7.20 -8.09
CA ARG A 193 41.04 -8.03 -9.29
C ARG A 193 40.05 -9.16 -9.00
N GLY A 194 39.30 -9.56 -10.01
CA GLY A 194 38.21 -10.49 -9.79
C GLY A 194 37.88 -11.38 -10.98
N VAL A 195 37.22 -12.47 -10.66
CA VAL A 195 36.65 -13.39 -11.63
C VAL A 195 35.16 -13.52 -11.37
N MET A 196 34.39 -13.41 -12.44
CA MET A 196 32.97 -13.72 -12.34
C MET A 196 32.70 -15.05 -13.03
N LEU A 197 32.09 -15.95 -12.27
CA LEU A 197 31.62 -17.23 -12.77
C LEU A 197 30.13 -17.17 -13.01
N ASP A 198 29.69 -17.73 -14.12
CA ASP A 198 28.29 -18.10 -14.30
C ASP A 198 28.27 -19.29 -15.24
N ARG A 199 27.07 -19.79 -15.56
CA ARG A 199 26.87 -20.98 -16.42
C ARG A 199 27.33 -20.68 -17.85
N GLU A 200 28.01 -21.60 -18.52
CA GLU A 200 28.42 -21.26 -19.90
C GLU A 200 27.19 -21.06 -20.79
N GLY A 201 27.24 -20.02 -21.62
CA GLY A 201 26.09 -19.64 -22.41
C GLY A 201 25.27 -18.56 -21.75
N SER A 202 25.63 -18.18 -20.52
CA SER A 202 24.88 -17.15 -19.78
C SER A 202 25.61 -15.82 -19.72
N LEU A 203 26.86 -15.83 -20.16
CA LEU A 203 27.79 -14.68 -19.98
C LEU A 203 27.58 -13.47 -20.90
N GLY A 204 26.69 -13.61 -21.89
CA GLY A 204 26.34 -12.54 -22.80
C GLY A 204 26.09 -11.20 -22.13
N VAL A 205 25.18 -11.19 -21.16
CA VAL A 205 24.78 -9.94 -20.49
C VAL A 205 25.96 -9.28 -19.78
N ALA A 206 26.67 -10.09 -19.02
CA ALA A 206 27.85 -9.63 -18.28
C ALA A 206 29.00 -9.18 -19.18
N ARG A 207 29.14 -9.83 -20.32
CA ARG A 207 30.22 -9.51 -21.24
C ARG A 207 29.97 -8.10 -21.74
N ASP A 208 28.69 -7.77 -21.91
CA ASP A 208 28.27 -6.45 -22.30
C ASP A 208 28.33 -5.44 -21.14
N ASN A 209 27.73 -5.81 -20.00
CA ASN A 209 27.61 -4.90 -18.87
C ASN A 209 28.97 -4.51 -18.29
N LEU A 210 29.91 -5.43 -18.41
CA LEU A 210 31.26 -5.31 -17.91
C LEU A 210 32.29 -5.07 -19.02
N SER A 211 31.85 -4.61 -20.20
CA SER A 211 32.79 -4.48 -21.30
C SER A 211 34.06 -3.68 -20.95
N SER A 212 33.88 -2.52 -20.32
CA SER A 212 35.01 -1.65 -20.03
C SER A 212 36.01 -2.37 -19.16
N LEU A 213 35.50 -2.99 -18.09
CA LEU A 213 36.37 -3.58 -17.07
C LEU A 213 37.08 -4.80 -17.63
N LEU A 214 36.40 -5.54 -18.51
CA LEU A 214 37.01 -6.64 -19.23
C LEU A 214 38.15 -6.16 -20.17
N ALA A 215 37.92 -4.99 -20.78
CA ALA A 215 38.90 -4.38 -21.68
C ALA A 215 40.14 -3.90 -20.90
N GLY A 216 39.92 -3.43 -19.67
CA GLY A 216 41.00 -3.09 -18.72
C GLY A 216 41.74 -4.28 -18.14
N GLU A 217 41.26 -5.51 -18.42
CA GLU A 217 41.89 -6.75 -17.88
C GLU A 217 41.88 -6.87 -16.30
N ARG A 218 41.01 -6.10 -15.66
CA ARG A 218 40.76 -6.13 -14.20
C ARG A 218 39.90 -7.34 -13.76
N VAL A 219 38.98 -7.74 -14.62
CA VAL A 219 38.13 -8.86 -14.34
C VAL A 219 38.21 -9.77 -15.53
N SER A 220 37.96 -11.07 -15.31
CA SER A 220 37.64 -11.99 -16.41
C SER A 220 36.36 -12.74 -16.07
N LEU A 221 35.76 -13.35 -17.09
CA LEU A 221 34.58 -14.17 -16.91
C LEU A 221 34.94 -15.64 -17.11
N VAL A 222 34.34 -16.53 -16.34
CA VAL A 222 34.43 -17.95 -16.69
C VAL A 222 33.08 -18.64 -16.75
N GLY A 223 32.91 -19.52 -17.76
CA GLY A 223 31.66 -20.27 -17.90
C GLY A 223 31.91 -21.62 -17.24
N GLY A 224 31.00 -22.07 -16.40
CA GLY A 224 31.21 -23.31 -15.71
C GLY A 224 30.10 -23.52 -14.72
N ASP A 225 30.06 -24.70 -14.12
CA ASP A 225 29.01 -25.00 -13.15
C ASP A 225 29.66 -24.94 -11.79
N MET A 226 29.16 -24.01 -10.97
CA MET A 226 29.73 -23.77 -9.64
C MET A 226 29.61 -24.98 -8.73
N LEU A 227 28.70 -25.89 -9.06
CA LEU A 227 28.47 -27.06 -8.24
C LEU A 227 29.54 -28.13 -8.51
N GLN A 228 30.18 -28.05 -9.68
CA GLN A 228 31.37 -28.89 -9.92
C GLN A 228 32.71 -28.25 -9.63
N GLU A 229 32.82 -26.95 -9.94
CA GLU A 229 34.09 -26.26 -9.86
C GLU A 229 33.93 -24.75 -9.67
N VAL A 230 34.83 -24.14 -8.88
CA VAL A 230 34.95 -22.67 -8.87
C VAL A 230 36.41 -22.22 -9.06
N PRO A 231 36.64 -21.02 -9.62
CA PRO A 231 37.99 -20.46 -9.79
C PRO A 231 38.79 -20.47 -8.47
N SER A 232 40.08 -20.80 -8.60
CA SER A 232 40.93 -21.06 -7.43
C SER A 232 41.67 -19.84 -6.89
N ASN A 233 42.13 -19.99 -5.64
CA ASN A 233 43.06 -19.06 -4.98
C ASN A 233 42.48 -17.66 -4.70
N GLY A 234 41.16 -17.54 -4.65
CA GLY A 234 40.51 -16.28 -4.37
C GLY A 234 40.68 -15.95 -2.90
N ASP A 235 40.89 -14.69 -2.58
CA ASP A 235 40.83 -14.20 -1.19
C ASP A 235 39.39 -14.07 -0.68
N ILE A 236 38.50 -13.61 -1.57
CA ILE A 236 37.10 -13.39 -1.17
C ILE A 236 36.17 -14.09 -2.21
N TYR A 237 35.30 -14.98 -1.73
CA TYR A 237 34.29 -15.71 -2.55
C TYR A 237 32.92 -15.14 -2.19
N LEU A 238 32.33 -14.44 -3.16
CA LEU A 238 31.04 -13.73 -2.96
C LEU A 238 29.97 -14.65 -3.47
N LEU A 239 28.98 -14.94 -2.61
CA LEU A 239 27.83 -15.79 -2.88
C LEU A 239 26.59 -14.90 -2.71
N SER A 240 26.22 -14.18 -3.79
CA SER A 240 25.18 -13.14 -3.68
C SER A 240 23.93 -13.71 -4.27
N ARG A 241 22.90 -13.79 -3.44
CA ARG A 241 21.61 -14.29 -3.89
C ARG A 241 21.75 -15.61 -4.64
N ILE A 242 22.59 -16.51 -4.12
CA ILE A 242 22.84 -17.77 -4.78
C ILE A 242 22.41 -18.96 -3.90
N ILE A 243 22.70 -18.90 -2.62
CA ILE A 243 22.37 -20.00 -1.72
C ILE A 243 20.84 -20.20 -1.60
N GLY A 244 20.10 -19.08 -1.54
CA GLY A 244 18.63 -19.09 -1.37
C GLY A 244 17.92 -20.06 -2.30
N ASP A 245 18.50 -20.28 -3.46
CA ASP A 245 17.84 -21.07 -4.46
C ASP A 245 18.27 -22.54 -4.44
N LEU A 246 19.22 -22.88 -3.56
CA LEU A 246 19.91 -24.17 -3.55
C LEU A 246 19.41 -25.05 -2.40
N ASP A 247 19.22 -26.35 -2.68
CA ASP A 247 18.91 -27.31 -1.60
C ASP A 247 20.16 -27.64 -0.76
N GLU A 248 20.00 -28.46 0.28
CA GLU A 248 21.09 -28.89 1.15
C GLU A 248 22.28 -29.46 0.39
N ALA A 249 22.01 -30.50 -0.39
CA ALA A 249 23.03 -31.16 -1.20
C ALA A 249 23.84 -30.17 -2.04
N ALA A 250 23.13 -29.37 -2.85
CA ALA A 250 23.75 -28.39 -3.76
C ALA A 250 24.56 -27.35 -3.00
N SER A 251 24.02 -26.86 -1.87
CA SER A 251 24.71 -25.86 -1.07
C SER A 251 25.99 -26.43 -0.48
N LEU A 252 25.97 -27.71 -0.13
CA LEU A 252 27.17 -28.26 0.47
C LEU A 252 28.22 -28.52 -0.62
N ARG A 253 27.79 -28.86 -1.84
CA ARG A 253 28.77 -28.98 -2.94
C ARG A 253 29.44 -27.61 -3.21
N LEU A 254 28.64 -26.55 -3.25
CA LEU A 254 29.18 -25.21 -3.55
C LEU A 254 30.18 -24.78 -2.45
N LEU A 255 29.74 -24.90 -1.21
CA LEU A 255 30.54 -24.48 -0.09
C LEU A 255 31.87 -25.24 0.00
N GLY A 256 31.82 -26.54 -0.32
CA GLY A 256 33.04 -27.38 -0.37
C GLY A 256 33.97 -26.97 -1.50
N ASN A 257 33.36 -26.70 -2.67
CA ASN A 257 34.09 -26.10 -3.81
C ASN A 257 34.83 -24.83 -3.42
N CYS A 258 34.13 -23.91 -2.76
CA CYS A 258 34.78 -22.71 -2.23
C CYS A 258 35.89 -23.03 -1.20
N ARG A 259 35.60 -23.94 -0.26
CA ARG A 259 36.48 -24.19 0.89
C ARG A 259 37.85 -24.71 0.42
N GLU A 260 37.81 -25.54 -0.59
CA GLU A 260 38.99 -26.15 -1.14
C GLU A 260 39.72 -25.27 -2.15
N ALA A 261 39.02 -24.30 -2.74
CA ALA A 261 39.62 -23.48 -3.82
C ALA A 261 40.31 -22.25 -3.31
N MET A 262 39.80 -21.72 -2.19
CA MET A 262 40.21 -20.42 -1.71
C MET A 262 41.63 -20.39 -1.19
N ALA A 263 42.26 -19.20 -1.22
CA ALA A 263 43.57 -18.92 -0.58
C ALA A 263 43.58 -19.14 0.94
N GLY A 264 44.80 -19.22 1.52
CA GLY A 264 44.99 -19.19 2.97
C GLY A 264 44.33 -17.97 3.62
N ASP A 265 43.49 -18.20 4.63
CA ASP A 265 42.84 -17.07 5.30
C ASP A 265 41.77 -16.42 4.37
N GLY A 266 41.33 -17.16 3.33
CA GLY A 266 40.27 -16.68 2.41
C GLY A 266 38.96 -16.54 3.16
N ARG A 267 37.98 -15.87 2.54
CA ARG A 267 36.69 -15.67 3.18
C ARG A 267 35.63 -16.10 2.18
N VAL A 268 34.53 -16.65 2.67
CA VAL A 268 33.31 -16.79 1.89
C VAL A 268 32.37 -15.72 2.44
N VAL A 269 31.68 -15.01 1.52
CA VAL A 269 30.83 -13.88 1.90
C VAL A 269 29.46 -14.14 1.25
N VAL A 270 28.45 -14.39 2.09
CA VAL A 270 27.11 -14.67 1.64
C VAL A 270 26.31 -13.36 1.74
N ILE A 271 25.72 -12.95 0.61
CA ILE A 271 24.95 -11.69 0.61
C ILE A 271 23.56 -12.14 0.27
N GLU A 272 22.61 -12.02 1.22
CA GLU A 272 21.28 -12.56 1.00
C GLU A 272 20.28 -11.95 1.98
N ARG A 273 19.03 -11.83 1.60
CA ARG A 273 18.07 -11.44 2.67
C ARG A 273 17.80 -12.66 3.54
N THR A 274 17.95 -12.53 4.85
CA THR A 274 17.55 -13.65 5.70
C THR A 274 16.52 -13.13 6.72
N ILE A 275 15.69 -14.02 7.27
CA ILE A 275 14.67 -13.69 8.24
C ILE A 275 15.23 -14.04 9.65
N SER A 276 15.29 -13.05 10.54
CA SER A 276 15.54 -13.32 11.96
C SER A 276 14.38 -14.19 12.48
N ALA A 277 14.68 -15.45 12.81
CA ALA A 277 13.70 -16.42 13.31
C ALA A 277 12.91 -15.99 14.57
N SER A 278 13.54 -15.23 15.47
CA SER A 278 12.84 -14.78 16.66
C SER A 278 11.95 -13.58 16.35
N GLU A 279 12.52 -12.37 16.32
CA GLU A 279 11.68 -11.18 16.10
C GLU A 279 11.94 -10.54 14.73
N PRO A 280 11.37 -11.10 13.66
CA PRO A 280 11.78 -10.60 12.35
C PRO A 280 11.32 -9.16 12.09
N SER A 281 12.11 -8.43 11.30
CA SER A 281 11.70 -7.10 10.86
C SER A 281 10.51 -7.22 9.95
N PRO A 282 9.47 -6.40 10.19
CA PRO A 282 8.30 -6.47 9.30
C PRO A 282 8.65 -6.44 7.81
N MET A 283 9.55 -5.54 7.43
CA MET A 283 9.93 -5.48 6.01
C MET A 283 10.61 -6.78 5.45
N SER A 284 11.36 -7.51 6.26
CA SER A 284 12.01 -8.74 5.78
C SER A 284 10.96 -9.82 5.44
N VAL A 285 9.90 -9.85 6.24
CA VAL A 285 8.87 -10.83 6.05
C VAL A 285 7.96 -10.45 4.87
N LEU A 286 7.74 -9.15 4.68
CA LEU A 286 7.03 -8.69 3.49
C LEU A 286 7.82 -9.10 2.22
N TRP A 287 9.13 -8.86 2.22
CA TRP A 287 9.97 -9.39 1.11
C TRP A 287 9.82 -10.90 0.91
N ASP A 288 9.70 -11.64 2.00
CA ASP A 288 9.56 -13.10 1.89
C ASP A 288 8.29 -13.53 1.17
N VAL A 289 7.16 -12.86 1.49
CA VAL A 289 5.90 -13.22 0.85
C VAL A 289 5.93 -12.79 -0.60
N HIS A 290 6.56 -11.63 -0.84
CA HIS A 290 6.72 -11.18 -2.21
C HIS A 290 7.54 -12.17 -3.06
N LEU A 291 8.59 -12.75 -2.47
CA LEU A 291 9.40 -13.74 -3.19
C LEU A 291 8.58 -14.95 -3.65
N PHE A 292 7.67 -15.42 -2.79
CA PHE A 292 6.72 -16.41 -3.17
C PHE A 292 5.83 -15.89 -4.32
N MET A 293 5.28 -14.67 -4.13
CA MET A 293 4.26 -14.14 -5.07
C MET A 293 4.89 -13.99 -6.45
N ALA A 294 6.20 -13.70 -6.49
CA ALA A 294 6.87 -13.46 -7.79
C ALA A 294 7.32 -14.78 -8.46
N CYS A 295 7.91 -15.69 -7.69
CA CYS A 295 8.55 -16.83 -8.33
C CYS A 295 8.69 -18.06 -7.43
N ALA A 296 7.86 -18.15 -6.40
CA ALA A 296 7.86 -19.31 -5.47
C ALA A 296 9.22 -19.49 -4.79
N GLY A 297 9.97 -18.42 -4.63
CA GLY A 297 11.19 -18.53 -3.88
C GLY A 297 10.85 -18.41 -2.41
N ARG A 298 11.85 -18.59 -1.55
CA ARG A 298 11.72 -18.23 -0.14
C ARG A 298 13.06 -17.84 0.48
N HIS A 299 13.02 -17.12 1.60
CA HIS A 299 14.24 -16.76 2.33
C HIS A 299 14.52 -17.79 3.45
N ARG A 300 15.79 -18.00 3.77
CA ARG A 300 16.17 -18.78 4.95
C ARG A 300 16.23 -17.91 6.19
N THR A 301 16.13 -18.51 7.36
CA THR A 301 16.42 -17.74 8.54
C THR A 301 17.94 -17.57 8.59
N THR A 302 18.35 -16.54 9.28
CA THR A 302 19.77 -16.26 9.51
C THR A 302 20.44 -17.48 10.14
N GLU A 303 19.77 -18.01 11.18
CA GLU A 303 20.23 -19.25 11.85
C GLU A 303 20.46 -20.39 10.85
N GLU A 304 19.49 -20.64 9.97
CA GLU A 304 19.64 -21.68 8.95
C GLU A 304 20.89 -21.40 8.11
N VAL A 305 21.20 -20.13 7.83
CA VAL A 305 22.34 -19.87 6.93
C VAL A 305 23.66 -20.14 7.69
N VAL A 306 23.69 -19.70 8.92
CA VAL A 306 24.85 -19.91 9.79
C VAL A 306 25.11 -21.43 9.97
N ASP A 307 24.04 -22.18 10.25
CA ASP A 307 24.16 -23.64 10.43
C ASP A 307 24.58 -24.38 9.15
N LEU A 308 24.12 -23.89 8.01
CA LEU A 308 24.46 -24.46 6.73
C LEU A 308 25.93 -24.20 6.45
N LEU A 309 26.38 -23.00 6.78
CA LEU A 309 27.82 -22.60 6.65
C LEU A 309 28.72 -23.54 7.46
N GLY A 310 28.37 -23.73 8.73
CA GLY A 310 29.07 -24.68 9.62
C GLY A 310 29.12 -26.08 9.04
N ARG A 311 28.00 -26.55 8.48
CA ARG A 311 27.91 -27.90 7.90
C ARG A 311 28.89 -27.96 6.73
N GLY A 312 29.12 -26.83 6.08
CA GLY A 312 30.05 -26.79 4.97
C GLY A 312 31.48 -26.51 5.37
N GLY A 313 31.78 -26.62 6.68
CA GLY A 313 33.17 -26.40 7.14
C GLY A 313 33.55 -24.94 7.23
N PHE A 314 32.56 -24.09 7.50
CA PHE A 314 32.81 -22.67 7.78
C PHE A 314 32.40 -22.15 9.17
N ALA A 315 33.14 -21.14 9.65
CA ALA A 315 32.89 -20.42 10.90
C ALA A 315 32.53 -18.95 10.61
N VAL A 316 31.32 -18.52 11.02
CA VAL A 316 30.93 -17.10 10.85
C VAL A 316 31.78 -16.18 11.66
N GLU A 317 32.31 -15.18 10.98
CA GLU A 317 33.15 -14.15 11.58
C GLU A 317 32.38 -12.86 11.87
N ARG A 318 31.44 -12.52 10.98
CA ARG A 318 30.76 -11.25 11.09
C ARG A 318 29.42 -11.39 10.45
N ILE A 319 28.41 -10.72 11.00
CA ILE A 319 27.14 -10.53 10.30
C ILE A 319 26.87 -9.06 10.25
N VAL A 320 26.59 -8.53 9.06
CA VAL A 320 26.32 -7.09 8.92
C VAL A 320 24.95 -6.88 8.24
N ASP A 321 24.14 -5.97 8.78
CA ASP A 321 22.90 -5.56 8.14
C ASP A 321 23.17 -4.54 7.08
N LEU A 322 22.86 -4.89 5.83
CA LEU A 322 23.02 -3.98 4.68
C LEU A 322 21.70 -3.31 4.30
N PRO A 323 21.72 -2.28 3.41
CA PRO A 323 20.45 -1.69 2.97
C PRO A 323 19.47 -2.67 2.36
N MET A 324 18.18 -2.28 2.42
CA MET A 324 17.06 -2.99 1.83
C MET A 324 16.98 -4.42 2.32
N GLU A 325 17.03 -4.56 3.65
CA GLU A 325 16.82 -5.83 4.32
C GLU A 325 17.76 -6.95 3.83
N THR A 326 19.00 -6.62 3.44
CA THR A 326 19.91 -7.69 2.99
C THR A 326 21.00 -7.91 4.04
N ARG A 327 21.55 -9.11 4.09
CA ARG A 327 22.52 -9.43 5.13
C ARG A 327 23.82 -9.72 4.47
N MET A 328 24.92 -9.41 5.16
CA MET A 328 26.23 -9.85 4.66
C MET A 328 26.78 -10.76 5.75
N ILE A 329 27.03 -12.01 5.41
CA ILE A 329 27.59 -12.98 6.38
C ILE A 329 29.01 -13.35 5.91
N VAL A 330 30.02 -12.97 6.70
CA VAL A 330 31.42 -13.32 6.38
C VAL A 330 31.85 -14.57 7.19
N ALA A 331 32.38 -15.58 6.50
CA ALA A 331 32.82 -16.78 7.21
C ALA A 331 34.24 -17.14 6.75
N ALA A 332 35.03 -17.69 7.67
CA ALA A 332 36.37 -18.26 7.32
C ALA A 332 36.35 -19.77 7.48
N ARG A 333 37.40 -20.40 6.95
CA ARG A 333 37.66 -21.81 7.20
C ARG A 333 37.60 -22.12 8.70
N ALA A 334 36.71 -23.02 9.08
CA ALA A 334 36.69 -23.52 10.46
C ALA A 334 38.00 -24.27 10.75
N ASN B 5 19.74 9.78 2.57
CA ASN B 5 19.49 8.80 1.47
C ASN B 5 19.02 7.42 1.97
N LEU B 6 19.56 6.95 3.11
CA LEU B 6 19.15 5.67 3.77
C LEU B 6 17.72 5.67 4.34
N ALA B 7 17.47 6.62 5.23
CA ALA B 7 16.12 6.81 5.76
C ALA B 7 15.13 7.04 4.61
N ALA B 8 15.56 7.81 3.61
CA ALA B 8 14.76 8.14 2.41
C ALA B 8 14.47 6.91 1.52
N ALA B 9 15.46 6.05 1.31
CA ALA B 9 15.25 4.81 0.60
C ALA B 9 14.33 3.93 1.43
N ARG B 10 14.53 3.89 2.75
CA ARG B 10 13.67 3.01 3.56
C ARG B 10 12.23 3.52 3.56
N ASN B 11 12.04 4.84 3.65
CA ASN B 11 10.66 5.30 3.64
C ASN B 11 10.01 5.09 2.29
N LEU B 12 10.75 5.30 1.22
CA LEU B 12 10.24 5.12 -0.11
C LEU B 12 9.84 3.67 -0.34
N ILE B 13 10.64 2.74 0.14
CA ILE B 13 10.35 1.37 -0.12
C ILE B 13 9.08 0.97 0.64
N GLN B 14 8.92 1.49 1.85
CA GLN B 14 7.70 1.26 2.64
C GLN B 14 6.47 1.66 1.80
N VAL B 15 6.57 2.82 1.17
CA VAL B 15 5.40 3.37 0.45
C VAL B 15 5.15 2.52 -0.79
N VAL B 16 6.22 2.25 -1.57
CA VAL B 16 6.14 1.42 -2.79
C VAL B 16 5.52 0.02 -2.53
N THR B 17 5.93 -0.61 -1.42
CA THR B 17 5.48 -1.95 -1.15
C THR B 17 4.26 -2.01 -0.26
N GLY B 18 3.74 -0.85 0.17
CA GLY B 18 2.50 -0.78 0.98
C GLY B 18 1.39 -1.56 0.34
N GLU B 19 1.30 -1.51 -1.00
CA GLU B 19 0.23 -2.27 -1.65
C GLU B 19 0.22 -3.77 -1.31
N TRP B 20 1.42 -4.36 -1.21
CA TRP B 20 1.49 -5.81 -0.91
C TRP B 20 0.93 -6.12 0.45
N LYS B 21 1.18 -5.27 1.44
CA LYS B 21 0.47 -5.38 2.74
C LYS B 21 -1.02 -5.28 2.61
N SER B 22 -1.53 -4.34 1.77
CA SER B 22 -3.01 -4.31 1.50
C SER B 22 -3.52 -5.63 0.98
N ARG B 23 -2.77 -6.22 0.04
CA ARG B 23 -3.19 -7.47 -0.53
C ARG B 23 -3.25 -8.57 0.52
N CYS B 24 -2.23 -8.62 1.37
CA CYS B 24 -2.14 -9.65 2.39
C CYS B 24 -3.32 -9.54 3.41
N VAL B 25 -3.62 -8.31 3.83
CA VAL B 25 -4.81 -8.10 4.64
C VAL B 25 -6.10 -8.56 3.92
N TYR B 26 -6.18 -8.25 2.64
CA TYR B 26 -7.34 -8.64 1.86
C TYR B 26 -7.44 -10.17 1.80
N VAL B 27 -6.30 -10.84 1.60
CA VAL B 27 -6.34 -12.31 1.57
C VAL B 27 -6.70 -12.87 2.93
N ALA B 28 -6.17 -12.29 4.00
CA ALA B 28 -6.53 -12.77 5.32
C ALA B 28 -8.05 -12.63 5.52
N THR B 29 -8.65 -11.59 4.93
CA THR B 29 -10.11 -11.37 5.10
C THR B 29 -10.92 -12.35 4.23
N ARG B 30 -10.57 -12.49 2.99
CA ARG B 30 -11.23 -13.45 2.12
C ARG B 30 -11.20 -14.85 2.72
N LEU B 31 -10.08 -15.24 3.29
CA LEU B 31 -9.93 -16.60 3.86
C LEU B 31 -10.62 -16.79 5.22
N GLY B 32 -11.04 -15.70 5.86
CA GLY B 32 -11.77 -15.75 7.12
C GLY B 32 -10.84 -16.17 8.23
N LEU B 33 -9.54 -15.92 8.07
CA LEU B 33 -8.57 -16.30 9.11
C LEU B 33 -8.93 -15.73 10.50
N ALA B 34 -9.42 -14.49 10.53
CA ALA B 34 -9.72 -13.87 11.84
C ALA B 34 -10.82 -14.64 12.58
N ASP B 35 -11.81 -15.11 11.81
CA ASP B 35 -12.90 -15.97 12.32
C ASP B 35 -12.46 -17.34 12.73
N LEU B 36 -11.72 -18.02 11.87
CA LEU B 36 -11.15 -19.31 12.21
C LEU B 36 -10.34 -19.24 13.49
N ILE B 37 -9.44 -18.27 13.57
CA ILE B 37 -8.60 -18.10 14.73
C ILE B 37 -9.40 -17.84 16.00
N GLU B 38 -10.42 -16.98 15.95
CA GLU B 38 -11.19 -16.72 17.18
C GLU B 38 -11.88 -18.00 17.67
N SER B 39 -12.35 -18.79 16.70
CA SER B 39 -12.89 -20.14 16.89
C SER B 39 -11.97 -21.19 17.54
N GLY B 40 -10.66 -20.91 17.58
CA GLY B 40 -9.63 -21.82 18.10
C GLY B 40 -8.87 -22.65 17.07
N ILE B 41 -9.13 -22.40 15.79
CA ILE B 41 -8.34 -22.99 14.70
C ILE B 41 -7.09 -22.10 14.57
N ASP B 42 -6.01 -22.48 15.24
CA ASP B 42 -4.98 -21.49 15.54
C ASP B 42 -3.57 -21.99 15.33
N SER B 43 -3.40 -22.94 14.42
CA SER B 43 -2.04 -23.36 14.03
C SER B 43 -1.87 -23.27 12.51
N ASP B 44 -0.64 -23.30 12.03
CA ASP B 44 -0.43 -23.29 10.55
C ASP B 44 -1.18 -24.44 9.89
N GLU B 45 -1.05 -25.65 10.49
CA GLU B 45 -1.63 -26.86 9.91
C GLU B 45 -3.14 -26.82 9.86
N THR B 46 -3.77 -26.45 10.97
CA THR B 46 -5.24 -26.46 11.04
C THR B 46 -5.86 -25.39 10.18
N LEU B 47 -5.19 -24.23 10.13
CA LEU B 47 -5.61 -23.11 9.27
C LEU B 47 -5.49 -23.53 7.78
N ALA B 48 -4.39 -24.16 7.42
CA ALA B 48 -4.17 -24.62 6.04
C ALA B 48 -5.19 -25.65 5.67
N ALA B 49 -5.48 -26.57 6.59
CA ALA B 49 -6.54 -27.55 6.37
C ALA B 49 -7.91 -26.93 6.14
N ALA B 50 -8.27 -25.96 6.97
CA ALA B 50 -9.56 -25.26 6.84
C ALA B 50 -9.78 -24.49 5.55
N VAL B 51 -8.75 -23.77 5.08
CA VAL B 51 -8.95 -22.87 3.94
C VAL B 51 -8.49 -23.47 2.63
N GLY B 52 -7.82 -24.63 2.71
CA GLY B 52 -7.31 -25.29 1.51
C GLY B 52 -5.96 -24.77 1.02
N SER B 53 -5.04 -24.52 1.95
CA SER B 53 -3.69 -24.07 1.57
C SER B 53 -2.74 -25.11 2.09
N ASP B 54 -1.48 -24.73 2.21
CA ASP B 54 -0.42 -25.55 2.70
C ASP B 54 0.10 -24.86 3.97
N ALA B 55 0.57 -25.67 4.93
CA ALA B 55 1.06 -25.14 6.21
C ALA B 55 2.21 -24.11 6.06
N GLU B 56 3.11 -24.31 5.10
CA GLU B 56 4.27 -23.39 4.95
C GLU B 56 3.79 -22.03 4.42
N ARG B 57 2.81 -22.04 3.55
CA ARG B 57 2.34 -20.76 2.96
C ARG B 57 1.54 -20.02 3.99
N ILE B 58 0.75 -20.76 4.76
CA ILE B 58 0.05 -20.10 5.85
C ILE B 58 1.06 -19.51 6.84
N HIS B 59 2.09 -20.30 7.15
CA HIS B 59 3.10 -19.85 8.10
C HIS B 59 3.67 -18.50 7.67
N ARG B 60 4.00 -18.40 6.38
CA ARG B 60 4.60 -17.18 5.84
C ARG B 60 3.65 -15.97 5.82
N LEU B 61 2.39 -16.24 5.49
CA LEU B 61 1.40 -15.15 5.50
C LEU B 61 1.19 -14.66 6.93
N MET B 62 1.09 -15.63 7.86
CA MET B 62 0.91 -15.29 9.28
C MET B 62 2.09 -14.58 9.91
N ARG B 63 3.31 -15.05 9.62
CA ARG B 63 4.52 -14.37 10.04
C ARG B 63 4.48 -12.89 9.63
N LEU B 64 4.15 -12.64 8.37
CA LEU B 64 4.04 -11.24 7.88
C LEU B 64 3.02 -10.43 8.72
N LEU B 65 1.82 -10.99 8.84
CA LEU B 65 0.71 -10.22 9.46
C LEU B 65 1.00 -9.95 10.93
N VAL B 66 1.54 -10.95 11.59
CA VAL B 66 1.91 -10.81 13.03
C VAL B 66 2.98 -9.74 13.20
N ALA B 67 3.95 -9.73 12.29
CA ALA B 67 5.01 -8.72 12.37
C ALA B 67 4.42 -7.33 12.27
N PHE B 68 3.37 -7.15 11.45
CA PHE B 68 2.67 -5.86 11.40
C PHE B 68 1.53 -5.71 12.43
N GLU B 69 1.48 -6.62 13.43
CA GLU B 69 0.53 -6.49 14.59
C GLU B 69 -0.95 -6.57 14.17
N ILE B 70 -1.15 -7.36 13.12
CA ILE B 70 -2.49 -7.54 12.69
C ILE B 70 -3.07 -8.72 13.44
N PHE B 71 -2.37 -9.83 13.45
CA PHE B 71 -2.69 -10.94 14.37
C PHE B 71 -1.54 -11.00 15.41
N GLN B 72 -1.61 -11.93 16.36
CA GLN B 72 -0.51 -12.11 17.32
C GLN B 72 -0.33 -13.60 17.60
N GLY B 73 0.68 -13.94 18.41
CA GLY B 73 0.95 -15.35 18.69
C GLY B 73 1.80 -16.05 17.64
N ASP B 74 1.84 -17.36 17.73
CA ASP B 74 2.65 -18.17 16.84
C ASP B 74 2.00 -19.50 16.72
N THR B 75 2.50 -20.33 15.82
CA THR B 75 1.82 -21.56 15.44
C THR B 75 1.82 -22.58 16.58
N ARG B 76 2.87 -22.49 17.41
CA ARG B 76 3.14 -23.45 18.50
C ARG B 76 2.31 -23.24 19.76
N ASP B 77 2.10 -21.99 20.17
CA ASP B 77 1.23 -21.69 21.32
C ASP B 77 -0.16 -21.34 20.79
N GLY B 78 -0.25 -21.04 19.49
CA GLY B 78 -1.49 -20.65 18.85
C GLY B 78 -1.54 -19.17 18.48
N TYR B 79 -2.13 -18.88 17.32
CA TYR B 79 -2.36 -17.49 16.93
C TYR B 79 -3.59 -16.96 17.65
N ALA B 80 -3.67 -15.63 17.77
CA ALA B 80 -4.85 -14.99 18.33
C ALA B 80 -5.14 -13.69 17.60
N ASN B 81 -6.34 -13.14 17.82
CA ASN B 81 -6.70 -11.82 17.26
C ASN B 81 -6.07 -10.69 18.06
N THR B 82 -5.85 -9.56 17.38
CA THR B 82 -5.39 -8.30 17.96
C THR B 82 -6.53 -7.29 17.75
N PRO B 83 -6.46 -6.09 18.38
CA PRO B 83 -7.55 -5.13 18.11
C PRO B 83 -7.84 -4.87 16.57
N THR B 84 -6.79 -4.80 15.80
CA THR B 84 -6.90 -4.61 14.35
C THR B 84 -7.56 -5.81 13.64
N SER B 85 -7.10 -7.03 13.95
CA SER B 85 -7.66 -8.21 13.26
C SER B 85 -9.10 -8.52 13.68
N HIS B 86 -9.52 -8.09 14.88
CA HIS B 86 -10.90 -8.28 15.30
C HIS B 86 -11.84 -7.56 14.35
N LEU B 87 -11.34 -6.48 13.77
CA LEU B 87 -12.14 -5.72 12.80
C LEU B 87 -12.41 -6.49 11.48
N LEU B 88 -11.62 -7.52 11.20
CA LEU B 88 -11.77 -8.36 10.02
C LEU B 88 -12.79 -9.44 10.22
N ARG B 89 -13.24 -9.64 11.47
CA ARG B 89 -14.16 -10.75 11.76
C ARG B 89 -15.54 -10.53 11.14
N ASP B 90 -16.20 -11.65 10.86
CA ASP B 90 -17.51 -11.65 10.25
C ASP B 90 -18.59 -11.47 11.34
N VAL B 91 -18.65 -10.27 11.88
CA VAL B 91 -19.52 -9.94 13.02
C VAL B 91 -20.14 -8.55 12.72
N GLU B 92 -21.27 -8.19 13.34
CA GLU B 92 -21.89 -6.87 13.13
C GLU B 92 -20.92 -5.71 13.37
N GLY B 93 -20.90 -4.75 12.45
CA GLY B 93 -20.13 -3.54 12.68
C GLY B 93 -18.63 -3.62 12.42
N SER B 94 -18.17 -4.74 11.84
CA SER B 94 -16.76 -4.93 11.59
C SER B 94 -16.42 -4.25 10.27
N PHE B 95 -15.14 -4.27 9.94
CA PHE B 95 -14.67 -3.67 8.69
C PHE B 95 -14.49 -4.74 7.61
N ARG B 96 -15.00 -5.95 7.83
CA ARG B 96 -14.76 -7.02 6.87
C ARG B 96 -15.23 -6.69 5.43
N ASP B 97 -16.50 -6.26 5.31
CA ASP B 97 -17.09 -5.93 4.02
C ASP B 97 -16.40 -4.73 3.32
N MET B 98 -15.93 -3.75 4.10
CA MET B 98 -15.12 -2.62 3.57
C MET B 98 -13.80 -3.15 3.02
N VAL B 99 -13.13 -4.04 3.77
CA VAL B 99 -11.85 -4.60 3.28
C VAL B 99 -12.06 -5.30 1.97
N LEU B 100 -13.11 -6.12 1.89
CA LEU B 100 -13.36 -6.91 0.68
C LEU B 100 -13.70 -6.01 -0.52
N PHE B 101 -14.58 -5.04 -0.33
CA PHE B 101 -14.96 -4.13 -1.40
C PHE B 101 -13.74 -3.28 -1.88
N TYR B 102 -12.97 -2.75 -0.93
CA TYR B 102 -11.80 -1.97 -1.30
C TYR B 102 -10.77 -2.81 -2.04
N GLY B 103 -10.60 -4.06 -1.61
CA GLY B 103 -9.61 -5.01 -2.25
C GLY B 103 -10.09 -5.63 -3.57
N GLU B 104 -11.33 -5.31 -3.96
CA GLU B 104 -11.92 -5.81 -5.22
C GLU B 104 -12.20 -4.63 -6.15
N GLU B 105 -13.38 -4.00 -5.99
CA GLU B 105 -13.70 -2.80 -6.82
C GLU B 105 -12.65 -1.73 -6.79
N PHE B 106 -12.22 -1.29 -5.59
CA PHE B 106 -11.30 -0.18 -5.61
C PHE B 106 -9.84 -0.53 -5.96
N HIS B 107 -9.49 -1.80 -5.81
CA HIS B 107 -8.23 -2.33 -6.31
C HIS B 107 -8.25 -2.21 -7.83
N ALA B 108 -9.35 -2.67 -8.45
CA ALA B 108 -9.50 -2.54 -9.91
C ALA B 108 -9.52 -1.06 -10.37
N ALA B 109 -10.15 -0.20 -9.56
CA ALA B 109 -10.29 1.24 -9.88
C ALA B 109 -8.96 1.93 -9.86
N TRP B 110 -8.09 1.54 -8.90
CA TRP B 110 -6.81 2.20 -8.78
C TRP B 110 -5.72 1.65 -9.74
N THR B 111 -6.04 0.61 -10.46
CA THR B 111 -5.08 0.03 -11.46
C THR B 111 -4.80 1.07 -12.58
N PRO B 112 -5.85 1.59 -13.27
CA PRO B 112 -5.50 2.65 -14.29
C PRO B 112 -5.41 4.07 -13.75
N ALA B 113 -4.75 4.25 -12.62
CA ALA B 113 -4.70 5.54 -11.96
C ALA B 113 -3.97 6.59 -12.88
N CYS B 114 -2.91 6.15 -13.60
CA CYS B 114 -2.20 7.04 -14.51
C CYS B 114 -3.13 7.61 -15.59
N GLU B 115 -3.77 6.75 -16.39
CA GLU B 115 -4.69 7.24 -17.42
C GLU B 115 -5.85 8.10 -16.84
N ALA B 116 -6.33 7.73 -15.65
CA ALA B 116 -7.41 8.48 -14.93
C ALA B 116 -6.97 9.90 -14.59
N LEU B 117 -5.78 10.02 -14.05
CA LEU B 117 -5.28 11.33 -13.60
C LEU B 117 -4.93 12.19 -14.81
N LEU B 118 -4.43 11.57 -15.88
CA LEU B 118 -4.24 12.29 -17.17
C LEU B 118 -5.55 12.74 -17.84
N SER B 119 -6.48 11.80 -18.08
CA SER B 119 -7.70 12.05 -18.84
C SER B 119 -8.80 12.78 -18.06
N GLY B 120 -8.85 12.60 -16.75
CA GLY B 120 -9.98 13.04 -15.94
C GLY B 120 -11.14 12.08 -15.85
N THR B 121 -11.04 10.92 -16.50
CA THR B 121 -12.05 9.87 -16.28
C THR B 121 -11.65 9.06 -15.05
N PRO B 122 -12.52 8.99 -14.03
CA PRO B 122 -12.17 8.22 -12.81
C PRO B 122 -11.64 6.80 -13.16
N GLY B 123 -10.68 6.29 -12.35
CA GLY B 123 -10.13 4.95 -12.62
C GLY B 123 -11.24 3.95 -12.52
N PHE B 124 -12.18 4.20 -11.62
CA PHE B 124 -13.35 3.29 -11.48
C PHE B 124 -14.05 3.10 -12.86
N GLU B 125 -14.29 4.22 -13.51
CA GLU B 125 -15.06 4.20 -14.76
C GLU B 125 -14.23 3.54 -15.87
N LEU B 126 -12.93 3.79 -15.85
CA LEU B 126 -12.05 3.17 -16.79
C LEU B 126 -12.03 1.64 -16.61
N ALA B 127 -12.06 1.22 -15.34
CA ALA B 127 -11.90 -0.19 -14.99
C ALA B 127 -13.20 -0.93 -15.27
N PHE B 128 -14.35 -0.28 -15.05
CA PHE B 128 -15.68 -0.98 -15.11
C PHE B 128 -16.63 -0.51 -16.24
N GLY B 129 -16.28 0.60 -16.91
CA GLY B 129 -17.05 1.08 -18.08
C GLY B 129 -18.31 1.86 -17.81
N GLU B 130 -18.50 2.33 -16.58
CA GLU B 130 -19.66 3.12 -16.20
C GLU B 130 -19.26 3.84 -14.92
N ASP B 131 -19.98 4.89 -14.57
CA ASP B 131 -19.64 5.57 -13.33
C ASP B 131 -20.04 4.68 -12.16
N PHE B 132 -19.39 4.92 -11.02
CA PHE B 132 -19.68 4.26 -9.77
C PHE B 132 -21.16 4.11 -9.40
N TYR B 133 -21.94 5.19 -9.39
CA TYR B 133 -23.32 5.08 -8.90
C TYR B 133 -24.17 4.22 -9.87
N SER B 134 -23.86 4.35 -11.17
CA SER B 134 -24.40 3.44 -12.18
C SER B 134 -24.09 1.99 -11.93
N TYR B 135 -22.81 1.69 -11.66
CA TYR B 135 -22.37 0.36 -11.27
C TYR B 135 -23.13 -0.25 -10.07
N LEU B 136 -23.30 0.49 -8.99
CA LEU B 136 -24.06 -0.04 -7.87
C LEU B 136 -25.47 -0.49 -8.23
N LYS B 137 -26.12 0.20 -9.18
CA LYS B 137 -27.45 -0.21 -9.68
C LYS B 137 -27.39 -1.33 -10.70
N ARG B 138 -26.38 -1.31 -11.58
CA ARG B 138 -26.32 -2.33 -12.65
C ARG B 138 -25.85 -3.66 -12.11
N CYS B 139 -24.61 -3.65 -11.59
CA CYS B 139 -23.87 -4.87 -11.27
C CYS B 139 -24.61 -5.49 -10.11
N PRO B 140 -25.03 -6.77 -10.26
CA PRO B 140 -25.84 -7.55 -9.28
C PRO B 140 -25.08 -7.64 -7.97
N ASP B 141 -25.71 -7.18 -6.85
CA ASP B 141 -25.20 -7.37 -5.48
C ASP B 141 -24.19 -6.30 -5.06
N ALA B 142 -23.78 -5.46 -6.01
CA ALA B 142 -22.68 -4.51 -5.75
C ALA B 142 -23.17 -3.51 -4.69
N GLY B 143 -24.42 -3.07 -4.86
CA GLY B 143 -25.07 -2.12 -3.98
C GLY B 143 -25.11 -2.61 -2.54
N ARG B 144 -25.54 -3.86 -2.38
CA ARG B 144 -25.61 -4.51 -1.10
C ARG B 144 -24.25 -4.56 -0.42
N ARG B 145 -23.24 -5.02 -1.16
CA ARG B 145 -21.87 -5.05 -0.66
C ARG B 145 -21.35 -3.62 -0.32
N PHE B 146 -21.74 -2.65 -1.13
CA PHE B 146 -21.24 -1.30 -0.85
C PHE B 146 -21.84 -0.69 0.44
N LEU B 147 -23.12 -0.94 0.68
CA LEU B 147 -23.76 -0.49 1.89
C LEU B 147 -23.04 -1.16 3.09
N LEU B 148 -22.71 -2.44 2.98
CA LEU B 148 -21.95 -3.14 4.06
C LEU B 148 -20.57 -2.48 4.27
N ALA B 149 -19.91 -2.13 3.17
CA ALA B 149 -18.62 -1.41 3.21
C ALA B 149 -18.77 -0.08 3.94
N MET B 150 -19.84 0.65 3.63
CA MET B 150 -20.06 1.96 4.20
C MET B 150 -20.38 1.94 5.70
N LYS B 151 -20.96 0.84 6.19
CA LYS B 151 -21.18 0.68 7.65
C LYS B 151 -19.87 0.94 8.47
N ALA B 152 -18.71 0.66 7.87
CA ALA B 152 -17.43 1.03 8.46
C ALA B 152 -17.36 2.46 8.93
N SER B 153 -17.97 3.38 8.19
CA SER B 153 -18.03 4.78 8.64
C SER B 153 -19.10 5.06 9.71
N ASN B 154 -19.78 4.03 10.22
CA ASN B 154 -20.61 4.23 11.43
C ASN B 154 -19.72 4.64 12.59
N LEU B 155 -18.42 4.65 12.32
CA LEU B 155 -17.44 5.08 13.24
C LEU B 155 -17.67 6.58 13.53
N ALA B 156 -17.65 7.42 12.51
CA ALA B 156 -17.94 8.84 12.72
C ALA B 156 -19.36 9.05 13.26
N PHE B 157 -20.32 8.29 12.73
CA PHE B 157 -21.73 8.53 13.06
C PHE B 157 -22.01 8.21 14.51
N HIS B 158 -21.33 7.20 15.06
CA HIS B 158 -21.54 6.83 16.45
C HIS B 158 -21.04 7.94 17.39
N GLU B 159 -20.15 8.80 16.90
CA GLU B 159 -19.59 9.86 17.73
C GLU B 159 -20.51 11.05 17.84
N ILE B 160 -21.25 11.32 16.78
CA ILE B 160 -22.12 12.50 16.71
C ILE B 160 -23.03 12.64 17.95
N PRO B 161 -23.78 11.57 18.33
CA PRO B 161 -24.66 11.74 19.47
C PRO B 161 -23.90 11.74 20.83
N ARG B 162 -22.58 11.48 20.79
CA ARG B 162 -21.71 11.67 21.99
C ARG B 162 -21.20 13.12 22.08
N LEU B 163 -21.08 13.79 20.94
CA LEU B 163 -20.66 15.20 20.87
C LEU B 163 -21.83 16.20 20.92
N LEU B 164 -22.98 15.78 20.43
CA LEU B 164 -24.10 16.67 20.26
C LEU B 164 -25.18 16.11 21.11
N ASP B 165 -25.93 16.99 21.75
CA ASP B 165 -26.94 16.57 22.67
C ASP B 165 -28.32 16.44 21.97
N PHE B 166 -28.79 15.21 21.78
CA PHE B 166 -30.10 14.93 21.12
C PHE B 166 -31.23 14.70 22.10
N ARG B 167 -30.92 14.74 23.40
CA ARG B 167 -31.93 14.41 24.40
C ARG B 167 -33.15 15.30 24.23
N GLY B 168 -34.28 14.64 23.99
CA GLY B 168 -35.56 15.36 23.82
C GLY B 168 -35.59 16.30 22.62
N ARG B 169 -34.70 16.10 21.65
CA ARG B 169 -34.66 16.95 20.46
C ARG B 169 -35.23 16.29 19.23
N SER B 170 -35.69 17.10 18.27
CA SER B 170 -36.08 16.52 16.97
C SER B 170 -35.02 16.92 15.95
N PHE B 171 -34.63 15.98 15.12
CA PHE B 171 -33.64 16.26 14.14
C PHE B 171 -34.21 15.90 12.76
N VAL B 172 -33.59 16.49 11.76
CA VAL B 172 -33.91 16.23 10.37
C VAL B 172 -32.64 15.79 9.62
N ASP B 173 -32.64 14.56 9.05
CA ASP B 173 -31.49 14.03 8.34
C ASP B 173 -31.81 14.31 6.87
N VAL B 174 -31.22 15.38 6.30
CA VAL B 174 -31.55 15.83 4.97
C VAL B 174 -30.74 15.02 3.94
N GLY B 175 -31.39 14.44 2.96
CA GLY B 175 -30.67 13.48 2.09
C GLY B 175 -30.11 12.26 2.79
N GLY B 176 -30.92 11.54 3.54
CA GLY B 176 -30.40 10.42 4.40
C GLY B 176 -29.89 9.09 3.86
N GLY B 177 -30.17 8.80 2.58
CA GLY B 177 -29.78 7.51 2.00
C GLY B 177 -30.34 6.32 2.77
N SER B 178 -29.48 5.38 3.20
CA SER B 178 -29.94 4.17 3.86
C SER B 178 -30.40 4.42 5.31
N GLY B 179 -30.02 5.57 5.85
CA GLY B 179 -30.46 5.95 7.21
C GLY B 179 -29.49 5.60 8.32
N GLU B 180 -28.21 5.36 7.97
CA GLU B 180 -27.29 4.94 9.06
C GLU B 180 -27.05 6.01 10.16
N LEU B 181 -26.98 7.28 9.76
CA LEU B 181 -26.74 8.35 10.74
C LEU B 181 -27.97 8.51 11.65
N THR B 182 -29.16 8.53 11.04
CA THR B 182 -30.45 8.54 11.83
C THR B 182 -30.52 7.37 12.78
N LYS B 183 -30.20 6.19 12.27
CA LYS B 183 -30.15 4.99 13.09
C LYS B 183 -29.19 5.11 14.28
N ALA B 184 -27.95 5.53 14.01
CA ALA B 184 -26.95 5.71 15.10
C ALA B 184 -27.40 6.71 16.16
N ILE B 185 -27.99 7.84 15.75
CA ILE B 185 -28.47 8.84 16.70
C ILE B 185 -29.55 8.20 17.60
N LEU B 186 -30.57 7.61 16.95
CA LEU B 186 -31.75 7.06 17.61
C LEU B 186 -31.38 5.85 18.51
N GLN B 187 -30.33 5.11 18.14
CA GLN B 187 -29.86 4.00 18.99
C GLN B 187 -29.18 4.52 20.26
N ALA B 188 -28.43 5.60 20.12
CA ALA B 188 -27.68 6.17 21.22
C ALA B 188 -28.57 6.96 22.21
N GLU B 189 -29.61 7.60 21.71
CA GLU B 189 -30.33 8.51 22.56
C GLU B 189 -31.80 8.21 22.36
N PRO B 190 -32.38 7.34 23.22
CA PRO B 190 -33.80 6.96 23.13
C PRO B 190 -34.87 8.06 23.19
N SER B 191 -34.59 9.22 23.80
CA SER B 191 -35.59 10.30 23.75
C SER B 191 -35.54 11.17 22.47
N ALA B 192 -34.59 10.90 21.58
CA ALA B 192 -34.43 11.72 20.39
C ALA B 192 -35.50 11.24 19.40
N ARG B 193 -35.95 12.11 18.52
CA ARG B 193 -36.86 11.76 17.43
C ARG B 193 -36.33 12.39 16.15
N GLY B 194 -36.50 11.65 15.05
CA GLY B 194 -35.97 12.13 13.80
C GLY B 194 -36.94 12.08 12.63
N VAL B 195 -36.58 12.85 11.61
CA VAL B 195 -37.23 12.73 10.28
C VAL B 195 -36.12 12.56 9.30
N MET B 196 -36.23 11.59 8.38
CA MET B 196 -35.22 11.51 7.34
C MET B 196 -35.91 11.88 6.03
N LEU B 197 -35.27 12.77 5.27
CA LEU B 197 -35.76 13.25 3.99
C LEU B 197 -34.96 12.63 2.85
N ASP B 198 -35.64 12.15 1.82
CA ASP B 198 -34.93 11.76 0.63
C ASP B 198 -35.86 11.94 -0.54
N ARG B 199 -35.34 11.75 -1.74
CA ARG B 199 -36.17 11.78 -2.94
C ARG B 199 -37.31 10.80 -2.90
N GLU B 200 -38.47 11.25 -3.36
CA GLU B 200 -39.62 10.37 -3.44
C GLU B 200 -39.26 9.18 -4.30
N GLY B 201 -39.71 8.00 -3.88
CA GLY B 201 -39.37 6.76 -4.56
C GLY B 201 -37.99 6.22 -4.23
N SER B 202 -37.23 6.97 -3.40
CA SER B 202 -35.88 6.53 -2.98
C SER B 202 -35.90 5.96 -1.54
N LEU B 203 -37.04 5.97 -0.89
CA LEU B 203 -37.09 5.61 0.52
C LEU B 203 -37.03 4.12 0.86
N GLY B 204 -37.09 3.23 -0.15
CA GLY B 204 -37.21 1.80 0.14
C GLY B 204 -36.14 1.22 1.05
N VAL B 205 -34.88 1.55 0.74
CA VAL B 205 -33.72 0.99 1.48
C VAL B 205 -33.83 1.39 2.93
N ALA B 206 -34.11 2.68 3.14
CA ALA B 206 -34.27 3.21 4.49
C ALA B 206 -35.49 2.60 5.20
N ARG B 207 -36.58 2.40 4.48
CA ARG B 207 -37.79 1.81 5.09
C ARG B 207 -37.44 0.44 5.68
N ASP B 208 -36.64 -0.33 4.97
CA ASP B 208 -36.17 -1.60 5.50
C ASP B 208 -35.07 -1.45 6.58
N ASN B 209 -34.08 -0.60 6.33
CA ASN B 209 -32.96 -0.47 7.28
C ASN B 209 -33.42 0.10 8.63
N LEU B 210 -34.50 0.87 8.60
CA LEU B 210 -34.99 1.56 9.81
C LEU B 210 -36.30 0.92 10.34
N SER B 211 -36.58 -0.34 9.89
CA SER B 211 -37.89 -0.91 10.21
C SER B 211 -38.25 -0.90 11.68
N SER B 212 -37.36 -1.31 12.57
CA SER B 212 -37.73 -1.30 13.98
C SER B 212 -37.95 0.11 14.48
N LEU B 213 -37.08 1.05 14.06
CA LEU B 213 -37.29 2.45 14.51
C LEU B 213 -38.58 3.06 13.95
N LEU B 214 -38.94 2.70 12.73
CA LEU B 214 -40.19 3.14 12.19
C LEU B 214 -41.35 2.52 12.94
N ALA B 215 -41.22 1.23 13.24
CA ALA B 215 -42.27 0.53 13.99
C ALA B 215 -42.50 1.15 15.36
N GLY B 216 -41.43 1.66 15.99
CA GLY B 216 -41.48 2.27 17.31
C GLY B 216 -41.82 3.77 17.28
N GLU B 217 -42.03 4.28 16.07
CA GLU B 217 -42.46 5.68 15.84
C GLU B 217 -41.47 6.72 16.32
N ARG B 218 -40.20 6.32 16.36
CA ARG B 218 -39.05 7.19 16.70
C ARG B 218 -38.60 8.04 15.50
N VAL B 219 -39.02 7.62 14.31
CA VAL B 219 -38.57 8.23 13.10
C VAL B 219 -39.72 8.19 12.12
N SER B 220 -39.74 9.17 11.23
CA SER B 220 -40.62 9.10 10.05
C SER B 220 -39.82 9.43 8.81
N LEU B 221 -40.24 8.87 7.69
CA LEU B 221 -39.55 9.17 6.42
C LEU B 221 -40.39 10.11 5.60
N VAL B 222 -39.70 11.07 4.98
CA VAL B 222 -40.35 12.00 4.03
C VAL B 222 -39.70 11.99 2.65
N GLY B 223 -40.57 11.94 1.63
CA GLY B 223 -40.13 12.07 0.25
C GLY B 223 -40.27 13.51 -0.20
N GLY B 224 -39.21 14.07 -0.77
CA GLY B 224 -39.21 15.44 -1.22
C GLY B 224 -37.87 15.85 -1.77
N ASP B 225 -37.83 17.02 -2.41
CA ASP B 225 -36.61 17.57 -2.96
C ASP B 225 -36.11 18.62 -1.97
N MET B 226 -34.94 18.35 -1.37
CA MET B 226 -34.35 19.18 -0.33
C MET B 226 -34.09 20.63 -0.79
N LEU B 227 -33.92 20.81 -2.10
CA LEU B 227 -33.70 22.13 -2.71
C LEU B 227 -34.98 22.97 -2.78
N GLN B 228 -36.12 22.32 -2.66
CA GLN B 228 -37.36 23.05 -2.64
C GLN B 228 -37.90 23.31 -1.21
N GLU B 229 -37.70 22.32 -0.33
CA GLU B 229 -38.26 22.35 0.98
C GLU B 229 -37.55 21.32 1.85
N VAL B 230 -37.47 21.60 3.15
CA VAL B 230 -37.09 20.61 4.21
C VAL B 230 -38.21 20.49 5.26
N PRO B 231 -38.33 19.34 5.94
CA PRO B 231 -39.28 19.19 7.05
C PRO B 231 -39.00 20.28 8.08
N SER B 232 -40.05 20.88 8.65
CA SER B 232 -39.85 22.10 9.43
C SER B 232 -39.76 21.84 10.92
N ASN B 233 -39.27 22.84 11.64
CA ASN B 233 -39.35 22.90 13.09
C ASN B 233 -38.50 21.86 13.78
N GLY B 234 -37.45 21.43 13.08
CA GLY B 234 -36.40 20.58 13.69
C GLY B 234 -35.50 21.45 14.57
N ASP B 235 -34.85 20.85 15.59
CA ASP B 235 -33.80 21.51 16.39
C ASP B 235 -32.40 21.36 15.76
N ILE B 236 -32.17 20.26 15.02
CA ILE B 236 -30.84 20.01 14.44
C ILE B 236 -31.06 19.50 13.03
N TYR B 237 -30.40 20.12 12.06
CA TYR B 237 -30.55 19.70 10.67
C TYR B 237 -29.21 19.11 10.27
N LEU B 238 -29.18 17.81 9.98
CA LEU B 238 -27.96 17.11 9.64
C LEU B 238 -27.77 17.11 8.14
N LEU B 239 -26.65 17.68 7.72
CA LEU B 239 -26.25 17.61 6.33
C LEU B 239 -25.01 16.74 6.17
N SER B 240 -25.26 15.45 5.96
CA SER B 240 -24.19 14.47 5.94
C SER B 240 -23.85 14.12 4.51
N ARG B 241 -22.67 14.52 4.07
CA ARG B 241 -22.24 14.19 2.69
C ARG B 241 -23.15 14.79 1.61
N ILE B 242 -23.59 16.01 1.81
CA ILE B 242 -24.59 16.63 0.94
C ILE B 242 -23.95 17.78 0.20
N ILE B 243 -23.31 18.63 0.97
CA ILE B 243 -22.67 19.86 0.51
C ILE B 243 -21.65 19.58 -0.61
N GLY B 244 -20.81 18.55 -0.43
CA GLY B 244 -19.75 18.22 -1.40
C GLY B 244 -20.16 18.07 -2.87
N ASP B 245 -21.40 17.63 -3.08
CA ASP B 245 -21.94 17.44 -4.42
C ASP B 245 -22.62 18.73 -4.95
N LEU B 246 -22.76 19.75 -4.09
CA LEU B 246 -23.59 20.90 -4.44
C LEU B 246 -22.71 22.10 -4.78
N ASP B 247 -23.11 22.83 -5.82
CA ASP B 247 -22.43 24.05 -6.18
C ASP B 247 -22.88 25.19 -5.28
N GLU B 248 -22.24 26.35 -5.48
CA GLU B 248 -22.40 27.48 -4.58
C GLU B 248 -23.89 27.77 -4.38
N ALA B 249 -24.58 27.89 -5.50
CA ALA B 249 -25.98 28.24 -5.52
C ALA B 249 -26.91 27.24 -4.84
N ALA B 250 -26.75 25.95 -5.15
CA ALA B 250 -27.68 24.94 -4.59
C ALA B 250 -27.45 24.80 -3.08
N SER B 251 -26.19 24.90 -2.68
CA SER B 251 -25.81 24.96 -1.27
C SER B 251 -26.50 26.14 -0.54
N LEU B 252 -26.60 27.30 -1.19
CA LEU B 252 -27.29 28.42 -0.57
C LEU B 252 -28.79 28.23 -0.55
N ARG B 253 -29.36 27.58 -1.56
CA ARG B 253 -30.78 27.22 -1.53
C ARG B 253 -31.04 26.27 -0.35
N LEU B 254 -30.20 25.24 -0.25
CA LEU B 254 -30.33 24.22 0.82
C LEU B 254 -30.21 24.84 2.22
N LEU B 255 -29.19 25.65 2.42
CA LEU B 255 -28.91 26.28 3.73
C LEU B 255 -30.01 27.26 4.13
N GLY B 256 -30.54 27.98 3.12
CA GLY B 256 -31.65 28.93 3.36
C GLY B 256 -32.93 28.20 3.74
N ASN B 257 -33.18 27.08 3.05
CA ASN B 257 -34.30 26.15 3.41
C ASN B 257 -34.26 25.71 4.88
N CYS B 258 -33.08 25.24 5.34
CA CYS B 258 -32.92 24.85 6.76
C CYS B 258 -33.02 26.07 7.71
N ARG B 259 -32.42 27.20 7.30
CA ARG B 259 -32.35 28.37 8.18
C ARG B 259 -33.75 28.86 8.46
N GLU B 260 -34.57 28.88 7.44
CA GLU B 260 -35.94 29.32 7.63
C GLU B 260 -36.88 28.25 8.24
N ALA B 261 -36.52 26.99 8.13
CA ALA B 261 -37.46 25.94 8.54
C ALA B 261 -37.25 25.51 10.00
N MET B 262 -36.01 25.70 10.47
CA MET B 262 -35.63 25.20 11.78
C MET B 262 -36.33 26.01 12.89
N ALA B 263 -36.46 25.38 14.06
CA ALA B 263 -36.97 25.99 15.27
C ALA B 263 -36.06 27.11 15.66
N GLY B 264 -36.56 27.99 16.54
CA GLY B 264 -35.75 29.02 17.12
C GLY B 264 -34.57 28.36 17.84
N ASP B 265 -33.39 28.90 17.60
CA ASP B 265 -32.15 28.37 18.20
C ASP B 265 -31.79 27.05 17.62
N GLY B 266 -32.39 26.67 16.50
CA GLY B 266 -31.99 25.41 15.87
C GLY B 266 -30.56 25.52 15.35
N ARG B 267 -29.94 24.38 15.04
CA ARG B 267 -28.58 24.35 14.46
C ARG B 267 -28.52 23.53 13.19
N VAL B 268 -27.58 23.89 12.29
CA VAL B 268 -27.26 23.09 11.11
C VAL B 268 -25.90 22.46 11.45
N VAL B 269 -25.77 21.19 11.10
CA VAL B 269 -24.60 20.40 11.36
C VAL B 269 -24.15 19.76 10.04
N VAL B 270 -23.00 20.19 9.55
CA VAL B 270 -22.46 19.65 8.30
C VAL B 270 -21.45 18.59 8.69
N ILE B 271 -21.62 17.39 8.12
CA ILE B 271 -20.74 16.26 8.44
C ILE B 271 -20.16 15.88 7.09
N GLU B 272 -18.84 16.01 6.98
CA GLU B 272 -18.16 15.86 5.67
C GLU B 272 -16.66 15.90 5.83
N ARG B 273 -15.95 15.26 4.90
CA ARG B 273 -14.48 15.39 4.90
C ARG B 273 -14.16 16.74 4.31
N THR B 274 -13.37 17.53 5.04
CA THR B 274 -12.91 18.77 4.46
C THR B 274 -11.40 18.77 4.55
N ILE B 275 -10.74 19.49 3.66
CA ILE B 275 -9.29 19.45 3.64
C ILE B 275 -8.79 20.76 4.25
N SER B 276 -7.93 20.70 5.26
CA SER B 276 -7.25 21.94 5.78
C SER B 276 -6.50 22.61 4.63
N ALA B 277 -6.75 23.91 4.40
CA ALA B 277 -6.09 24.64 3.27
C ALA B 277 -4.56 24.59 3.33
N SER B 278 -3.99 24.69 4.53
CA SER B 278 -2.57 24.41 4.74
C SER B 278 -2.33 23.30 5.76
N GLU B 279 -1.19 22.61 5.63
CA GLU B 279 -0.84 21.42 6.40
C GLU B 279 -2.03 20.44 6.44
N PRO B 280 -2.58 20.06 5.26
CA PRO B 280 -3.64 19.04 5.36
C PRO B 280 -3.11 17.74 5.93
N SER B 281 -3.93 17.01 6.68
CA SER B 281 -3.50 15.72 7.21
C SER B 281 -3.29 14.83 5.98
N PRO B 282 -2.20 14.07 5.96
CA PRO B 282 -1.91 13.16 4.83
C PRO B 282 -3.07 12.23 4.51
N MET B 283 -3.73 11.66 5.52
CA MET B 283 -4.91 10.82 5.25
C MET B 283 -6.06 11.57 4.59
N SER B 284 -6.27 12.83 4.95
CA SER B 284 -7.42 13.53 4.37
C SER B 284 -7.21 13.72 2.84
N VAL B 285 -5.98 14.04 2.48
CA VAL B 285 -5.65 14.20 1.05
C VAL B 285 -5.61 12.86 0.35
N LEU B 286 -5.26 11.78 1.02
CA LEU B 286 -5.38 10.45 0.35
C LEU B 286 -6.85 10.17 0.00
N TRP B 287 -7.77 10.33 0.98
CA TRP B 287 -9.20 10.27 0.68
C TRP B 287 -9.61 11.20 -0.50
N ASP B 288 -9.00 12.36 -0.57
CA ASP B 288 -9.41 13.31 -1.64
C ASP B 288 -9.04 12.74 -3.02
N VAL B 289 -7.86 12.12 -3.15
CA VAL B 289 -7.49 11.52 -4.49
C VAL B 289 -8.39 10.34 -4.78
N HIS B 290 -8.67 9.59 -3.72
CA HIS B 290 -9.54 8.45 -3.83
C HIS B 290 -10.95 8.89 -4.32
N LEU B 291 -11.45 10.04 -3.85
CA LEU B 291 -12.79 10.51 -4.25
C LEU B 291 -12.79 10.77 -5.78
N PHE B 292 -11.70 11.33 -6.29
CA PHE B 292 -11.56 11.48 -7.69
C PHE B 292 -11.56 10.10 -8.40
N MET B 293 -10.71 9.22 -7.90
CA MET B 293 -10.48 7.90 -8.55
C MET B 293 -11.78 7.10 -8.61
N ALA B 294 -12.61 7.30 -7.57
CA ALA B 294 -13.86 6.53 -7.46
C ALA B 294 -15.00 7.14 -8.26
N CYS B 295 -15.14 8.46 -8.14
CA CYS B 295 -16.30 9.13 -8.78
C CYS B 295 -16.12 10.55 -9.26
N ALA B 296 -14.87 10.98 -9.41
CA ALA B 296 -14.59 12.37 -9.79
C ALA B 296 -15.18 13.34 -8.76
N GLY B 297 -15.33 12.89 -7.53
CA GLY B 297 -15.78 13.79 -6.47
C GLY B 297 -14.72 14.85 -6.17
N ARG B 298 -15.07 15.89 -5.43
CA ARG B 298 -14.16 16.94 -5.05
C ARG B 298 -14.47 17.32 -3.60
N HIS B 299 -13.45 17.60 -2.77
CA HIS B 299 -13.64 18.17 -1.41
C HIS B 299 -13.50 19.67 -1.31
N ARG B 300 -14.28 20.26 -0.40
CA ARG B 300 -13.99 21.62 0.00
C ARG B 300 -12.93 21.70 1.07
N THR B 301 -12.36 22.87 1.22
CA THR B 301 -11.51 23.15 2.35
C THR B 301 -12.43 23.50 3.53
N THR B 302 -11.90 23.37 4.74
CA THR B 302 -12.67 23.66 5.95
C THR B 302 -13.12 25.11 5.89
N GLU B 303 -12.17 25.98 5.53
CA GLU B 303 -12.42 27.41 5.29
C GLU B 303 -13.59 27.68 4.32
N GLU B 304 -13.62 27.04 3.15
CA GLU B 304 -14.67 27.20 2.17
C GLU B 304 -16.06 26.86 2.74
N VAL B 305 -16.11 25.84 3.59
CA VAL B 305 -17.37 25.43 4.16
C VAL B 305 -17.77 26.43 5.23
N VAL B 306 -16.85 26.79 6.10
CA VAL B 306 -17.11 27.81 7.13
C VAL B 306 -17.60 29.07 6.41
N ASP B 307 -16.84 29.55 5.41
CA ASP B 307 -17.28 30.75 4.68
C ASP B 307 -18.63 30.56 4.01
N LEU B 308 -18.85 29.38 3.41
CA LEU B 308 -20.16 29.08 2.80
C LEU B 308 -21.31 29.12 3.82
N LEU B 309 -21.09 28.52 5.01
CA LEU B 309 -22.07 28.65 6.13
C LEU B 309 -22.44 30.13 6.44
N GLY B 310 -21.42 30.98 6.52
CA GLY B 310 -21.64 32.43 6.67
C GLY B 310 -22.49 33.07 5.56
N ARG B 311 -22.22 32.75 4.31
CA ARG B 311 -23.05 33.31 3.21
C ARG B 311 -24.50 32.79 3.23
N GLY B 312 -24.71 31.67 3.92
CA GLY B 312 -26.06 31.13 4.07
C GLY B 312 -26.73 31.58 5.36
N GLY B 313 -26.06 32.47 6.11
CA GLY B 313 -26.64 33.07 7.32
C GLY B 313 -26.38 32.43 8.65
N PHE B 314 -25.28 31.68 8.74
CA PHE B 314 -24.97 30.92 9.95
C PHE B 314 -23.63 31.34 10.52
N ALA B 315 -23.51 31.24 11.83
CA ALA B 315 -22.25 31.46 12.53
C ALA B 315 -21.83 30.08 13.01
N VAL B 316 -20.64 29.67 12.62
CA VAL B 316 -20.04 28.43 13.11
C VAL B 316 -19.74 28.58 14.60
N GLU B 317 -20.10 27.55 15.36
CA GLU B 317 -19.82 27.47 16.78
C GLU B 317 -18.84 26.39 17.20
N ARG B 318 -18.75 25.32 16.39
CA ARG B 318 -17.86 24.23 16.77
C ARG B 318 -17.38 23.61 15.46
N ILE B 319 -16.11 23.20 15.44
CA ILE B 319 -15.57 22.33 14.40
C ILE B 319 -14.88 21.20 15.13
N VAL B 320 -15.32 19.98 14.87
CA VAL B 320 -14.84 18.85 15.59
C VAL B 320 -14.32 17.84 14.58
N ASP B 321 -13.11 17.32 14.81
CA ASP B 321 -12.55 16.20 14.08
C ASP B 321 -13.16 14.83 14.48
N LEU B 322 -13.88 14.21 13.54
CA LEU B 322 -14.43 12.86 13.75
C LEU B 322 -13.46 11.76 13.22
N PRO B 323 -13.67 10.46 13.59
CA PRO B 323 -12.99 9.33 12.96
C PRO B 323 -13.01 9.33 11.43
N MET B 324 -12.00 8.68 10.85
CA MET B 324 -11.86 8.52 9.42
C MET B 324 -11.83 9.88 8.71
N GLU B 325 -11.17 10.88 9.33
CA GLU B 325 -10.89 12.17 8.66
C GLU B 325 -12.17 12.92 8.23
N THR B 326 -13.16 12.89 9.10
CA THR B 326 -14.44 13.54 8.77
C THR B 326 -14.55 14.70 9.74
N ARG B 327 -15.13 15.82 9.32
CA ARG B 327 -15.42 16.91 10.24
C ARG B 327 -16.90 17.05 10.51
N MET B 328 -17.17 17.56 11.71
CA MET B 328 -18.49 18.01 12.10
C MET B 328 -18.41 19.52 12.38
N ILE B 329 -19.13 20.28 11.58
CA ILE B 329 -19.18 21.73 11.72
C ILE B 329 -20.57 22.14 12.15
N VAL B 330 -20.66 22.70 13.36
CA VAL B 330 -21.97 23.11 13.93
C VAL B 330 -22.17 24.62 13.77
N ALA B 331 -23.33 25.03 13.23
CA ALA B 331 -23.62 26.44 12.95
C ALA B 331 -25.00 26.83 13.48
N ALA B 332 -25.08 27.98 14.14
CA ALA B 332 -26.36 28.57 14.53
C ALA B 332 -26.72 29.69 13.58
N ARG B 333 -27.94 30.20 13.69
CA ARG B 333 -28.32 31.36 12.87
C ARG B 333 -27.47 32.55 13.29
N ALA B 334 -26.99 33.30 12.29
CA ALA B 334 -26.22 34.50 12.58
C ALA B 334 -27.23 35.56 13.07
#